data_4CCD
#
_entry.id   4CCD
#
_cell.length_a   249.505
_cell.length_b   249.505
_cell.length_c   77.712
_cell.angle_alpha   90.00
_cell.angle_beta   90.00
_cell.angle_gamma   120.00
#
_symmetry.space_group_name_H-M   'H 3 2'
#
loop_
_entity.id
_entity.type
_entity.pdbx_description
1 polymer GALACTOCEREBROSIDASE
2 branched 2-acetamido-2-deoxy-beta-D-glucopyranose-(1-4)-2-acetamido-2-deoxy-beta-D-glucopyranose
3 non-polymer 2-deoxy-alpha-D-galactopyranose
4 non-polymer 2-acetamido-2-deoxy-beta-D-glucopyranose
5 non-polymer 'CALCIUM ION'
6 water water
#
_entity_poly.entity_id   1
_entity_poly.type   'polypeptide(L)'
_entity_poly.pdbx_seq_one_letter_code
;HHHHHHIEGRGAYVLDDSDGLGREFDGIGAVSGGGATSRLLVNYPEPYRSEILDYLFKPNFGASLHILKVEIGGDGQTTD
GTEPSHMHYELDENYFRGYEWWLMKEAKKRNPDIILMGLPWSFPGWLGKGFSWPYVNLQLTAYYVVRWILGAKHYHDLDI
DYIGIWNERPFDANYIKELRKMLDYQGLQRVRIIASDNLWEPISSSLLLDQELWKVVDVIGAHYPGTYTVWNAKMSGKKL
WSSEDFSTINSNVGAGCWSRILNQNYINGNMTSTIAWNLVASYYEELPYGRSGLMTAQEPWSGHYVVASPIWVSAHTTQF
TQPGWYYLKTVGHLEKGGSYVALTDGLGNLTIIIETMSHQHSMCIRPYLPYYNVSHQLATFTLKGSLREIQELQVWYTKL
GTPQQRLHFKQLDTLWLLDGSGSFTLELEEDEIFTLTTLTTGRKGSYPPPPSSKPFPTNYKDDFNVEYPLFSEAPNFADQ
TGVFEYYMNNEDREHRFTLRQVLNQRPITWAADASSTISVIGDHHWTNMTVQCDVYIETPRSGGVFIAGRVNKGGILIRS
ATGVFFWIFANGSYRVTADLGGWITYASGHADVTAKRWYTLTLGIKGYFAFGMLNGTILWKNVRVKYPGHGWAAIGTHTF
EFAQFDNFRVEAAR
;
_entity_poly.pdbx_strand_id   A
#
loop_
_chem_comp.id
_chem_comp.type
_chem_comp.name
_chem_comp.formula
2DG D-saccharide, alpha linking 2-deoxy-alpha-D-galactopyranose 'C6 H12 O5'
CA non-polymer 'CALCIUM ION' 'Ca 2'
NAG D-saccharide, beta linking 2-acetamido-2-deoxy-beta-D-glucopyranose 'C8 H15 N O6'
#
# COMPACT_ATOMS: atom_id res chain seq x y z
N GLY A 11 4.17 40.00 -2.75
CA GLY A 11 4.64 40.83 -3.83
C GLY A 11 5.90 40.26 -4.48
N ALA A 12 7.05 40.65 -3.95
CA ALA A 12 8.33 40.04 -4.33
C ALA A 12 8.71 38.96 -3.32
N TYR A 13 9.25 37.85 -3.82
CA TYR A 13 9.71 36.76 -2.96
C TYR A 13 11.21 36.50 -3.18
N VAL A 14 12.01 36.69 -2.13
CA VAL A 14 13.45 36.51 -2.25
C VAL A 14 13.89 35.06 -2.03
N LEU A 15 14.61 34.50 -3.00
CA LEU A 15 15.23 33.19 -2.83
C LEU A 15 16.73 33.42 -2.69
N ASP A 16 17.31 32.87 -1.62
CA ASP A 16 18.68 33.20 -1.28
C ASP A 16 19.33 32.15 -0.39
N ASP A 17 20.63 31.94 -0.58
CA ASP A 17 21.40 30.99 0.23
C ASP A 17 22.54 31.67 1.00
N SER A 18 22.57 33.00 1.01
CA SER A 18 23.67 33.72 1.68
C SER A 18 23.69 33.55 3.20
N ASP A 19 22.52 33.45 3.84
CA ASP A 19 22.49 33.21 5.28
C ASP A 19 22.33 31.72 5.61
N GLY A 20 22.62 30.86 4.63
CA GLY A 20 22.61 29.43 4.87
C GLY A 20 21.41 28.70 4.33
N LEU A 21 21.33 27.41 4.64
CA LEU A 21 20.33 26.54 4.04
C LEU A 21 19.32 26.09 5.08
N GLY A 22 18.16 25.62 4.61
CA GLY A 22 17.17 25.01 5.47
C GLY A 22 17.56 23.56 5.72
N ARG A 23 16.57 22.70 5.94
CA ARG A 23 16.86 21.29 6.21
C ARG A 23 17.18 20.50 4.94
N GLU A 24 17.92 19.41 5.11
CA GLU A 24 18.18 18.45 4.05
C GLU A 24 16.90 17.72 3.63
N PHE A 25 16.67 17.64 2.31
CA PHE A 25 15.53 16.93 1.72
C PHE A 25 15.81 15.43 1.71
N ASP A 26 14.84 14.64 2.19
CA ASP A 26 15.08 13.21 2.35
C ASP A 26 14.40 12.34 1.32
N GLY A 27 13.46 12.91 0.56
CA GLY A 27 12.86 12.20 -0.55
C GLY A 27 11.35 12.04 -0.46
N ILE A 28 10.74 11.79 -1.61
CA ILE A 28 9.32 11.49 -1.69
C ILE A 28 9.17 10.01 -2.00
N GLY A 29 8.19 9.35 -1.36
CA GLY A 29 7.97 7.95 -1.63
C GLY A 29 6.52 7.53 -1.50
N ALA A 30 6.29 6.22 -1.50
CA ALA A 30 4.94 5.66 -1.38
C ALA A 30 5.01 4.30 -0.71
N VAL A 31 3.86 3.84 -0.21
CA VAL A 31 3.79 2.57 0.50
C VAL A 31 3.16 1.47 -0.35
N SER A 32 3.84 0.33 -0.44
CA SER A 32 3.19 -0.88 -0.93
C SER A 32 2.90 -1.77 0.26
N GLY A 33 1.62 -2.01 0.54
CA GLY A 33 1.26 -2.80 1.72
C GLY A 33 0.27 -2.08 2.61
N GLY A 34 -0.11 -2.73 3.71
CA GLY A 34 -1.22 -2.28 4.52
C GLY A 34 -2.51 -2.01 3.75
N GLY A 35 -3.08 -3.03 3.11
CA GLY A 35 -2.57 -4.39 3.08
C GLY A 35 -2.94 -4.96 1.72
N ALA A 36 -2.00 -5.64 1.08
CA ALA A 36 -2.22 -6.24 -0.25
C ALA A 36 -2.63 -5.20 -1.28
N THR A 37 -2.04 -4.01 -1.20
CA THR A 37 -2.40 -2.97 -2.17
C THR A 37 -1.76 -3.22 -3.54
N SER A 38 -0.76 -4.09 -3.59
CA SER A 38 -0.11 -4.40 -4.87
C SER A 38 -0.51 -5.78 -5.38
N ARG A 39 -1.55 -6.34 -4.78
CA ARG A 39 -1.99 -7.72 -5.03
C ARG A 39 -2.22 -8.06 -6.50
N LEU A 40 -2.91 -7.18 -7.22
CA LEU A 40 -3.29 -7.46 -8.61
C LEU A 40 -2.24 -6.99 -9.63
N LEU A 41 -1.12 -6.46 -9.16
CA LEU A 41 -0.09 -6.00 -10.09
C LEU A 41 0.74 -7.17 -10.60
N VAL A 42 0.89 -8.20 -9.78
CA VAL A 42 1.84 -9.29 -10.09
C VAL A 42 1.47 -10.14 -11.33
N ASN A 43 0.18 -10.34 -11.57
CA ASN A 43 -0.25 -11.12 -12.74
C ASN A 43 -0.58 -10.27 -13.99
N TYR A 44 -0.11 -9.03 -14.03
CA TYR A 44 -0.22 -8.27 -15.29
C TYR A 44 0.65 -8.92 -16.37
N PRO A 45 0.12 -9.03 -17.59
CA PRO A 45 0.93 -9.53 -18.69
C PRO A 45 2.00 -8.51 -19.09
N GLU A 46 3.08 -8.96 -19.72
CA GLU A 46 4.00 -8.00 -20.33
C GLU A 46 3.36 -7.51 -21.61
N PRO A 47 3.69 -6.28 -22.02
CA PRO A 47 4.69 -5.38 -21.41
C PRO A 47 4.11 -4.50 -20.32
N TYR A 48 2.80 -4.60 -20.10
CA TYR A 48 2.10 -3.65 -19.21
C TYR A 48 2.66 -3.62 -17.78
N ARG A 49 3.01 -4.79 -17.25
CA ARG A 49 3.52 -4.85 -15.88
C ARG A 49 4.77 -4.00 -15.78
N SER A 50 5.67 -4.17 -16.74
CA SER A 50 6.93 -3.43 -16.77
C SER A 50 6.72 -1.93 -17.00
N GLU A 51 5.71 -1.58 -17.81
CA GLU A 51 5.39 -0.18 -18.06
C GLU A 51 4.90 0.51 -16.78
N ILE A 52 4.00 -0.16 -16.07
CA ILE A 52 3.50 0.37 -14.79
C ILE A 52 4.68 0.64 -13.86
N LEU A 53 5.56 -0.34 -13.72
CA LEU A 53 6.74 -0.20 -12.87
C LEU A 53 7.64 0.98 -13.27
N ASP A 54 7.80 1.21 -14.57
CA ASP A 54 8.54 2.37 -15.06
C ASP A 54 7.88 3.69 -14.67
N TYR A 55 6.58 3.78 -14.85
CA TYR A 55 5.85 4.99 -14.45
C TYR A 55 6.02 5.30 -12.97
N LEU A 56 6.29 4.26 -12.18
CA LEU A 56 6.45 4.43 -10.74
C LEU A 56 7.90 4.77 -10.36
N PHE A 57 8.85 4.03 -10.93
CA PHE A 57 10.21 4.00 -10.42
C PHE A 57 11.31 4.43 -11.39
N LYS A 58 11.04 4.36 -12.69
CA LYS A 58 12.06 4.79 -13.64
C LYS A 58 12.33 6.29 -13.50
N PRO A 59 13.62 6.66 -13.31
CA PRO A 59 14.07 8.04 -13.14
C PRO A 59 13.80 8.84 -14.42
N ASN A 60 13.51 10.13 -14.27
CA ASN A 60 13.24 10.99 -15.41
C ASN A 60 12.19 10.41 -16.34
N PHE A 61 11.09 9.93 -15.78
CA PHE A 61 10.06 9.28 -16.58
C PHE A 61 8.67 9.59 -16.05
N GLY A 62 8.33 9.01 -14.91
CA GLY A 62 7.02 9.22 -14.30
C GLY A 62 7.16 9.74 -12.88
N ALA A 63 6.55 9.03 -11.94
CA ALA A 63 6.60 9.44 -10.54
C ALA A 63 8.03 9.44 -10.01
N SER A 64 8.91 8.67 -10.66
CA SER A 64 10.34 8.68 -10.36
C SER A 64 10.63 8.70 -8.85
N LEU A 65 10.01 7.79 -8.11
CA LEU A 65 10.01 7.87 -6.65
C LEU A 65 11.37 7.65 -6.01
N HIS A 66 11.65 8.37 -4.93
CA HIS A 66 12.93 8.28 -4.21
C HIS A 66 12.92 7.20 -3.14
N ILE A 67 11.73 6.86 -2.65
CA ILE A 67 11.57 5.99 -1.48
C ILE A 67 10.47 4.96 -1.75
N LEU A 68 10.74 3.68 -1.45
CA LEU A 68 9.67 2.68 -1.43
C LEU A 68 9.57 2.07 -0.04
N LYS A 69 8.39 2.16 0.56
CA LYS A 69 8.14 1.61 1.89
C LYS A 69 7.18 0.43 1.74
N VAL A 70 7.51 -0.69 2.37
CA VAL A 70 6.68 -1.86 2.22
C VAL A 70 6.28 -2.43 3.56
N GLU A 71 5.14 -3.13 3.58
CA GLU A 71 4.72 -3.85 4.76
C GLU A 71 5.57 -5.12 4.94
N ILE A 72 6.01 -5.37 6.17
CA ILE A 72 6.59 -6.66 6.53
C ILE A 72 5.40 -7.55 6.92
N GLY A 73 4.96 -8.37 5.97
CA GLY A 73 3.75 -9.14 6.15
C GLY A 73 3.73 -9.96 7.43
N GLY A 74 2.60 -10.00 8.11
CA GLY A 74 2.49 -10.65 9.39
C GLY A 74 1.35 -11.65 9.45
N ASP A 75 0.78 -11.96 8.28
CA ASP A 75 -0.32 -12.93 8.11
C ASP A 75 -1.70 -12.38 8.50
N GLY A 76 -1.75 -11.16 9.04
CA GLY A 76 -3.02 -10.57 9.44
C GLY A 76 -3.60 -9.65 8.37
N GLN A 77 -4.90 -9.37 8.45
CA GLN A 77 -5.56 -8.39 7.59
C GLN A 77 -5.04 -6.99 7.90
N THR A 78 -4.58 -6.25 6.89
CA THR A 78 -3.95 -4.95 7.14
C THR A 78 -4.44 -3.75 6.30
N THR A 79 -5.59 -3.95 5.63
CA THR A 79 -6.52 -2.91 5.12
C THR A 79 -7.30 -3.35 3.87
N ASP A 80 -6.60 -3.98 2.93
CA ASP A 80 -7.24 -4.50 1.71
C ASP A 80 -6.89 -5.96 1.47
N GLY A 81 -6.47 -6.64 2.54
CA GLY A 81 -6.08 -8.03 2.44
C GLY A 81 -5.05 -8.38 3.50
N THR A 82 -4.63 -9.64 3.52
CA THR A 82 -3.52 -10.07 4.37
C THR A 82 -2.27 -10.11 3.49
N GLU A 83 -1.08 -10.04 4.10
CA GLU A 83 0.15 -10.31 3.37
C GLU A 83 0.94 -11.39 4.09
N PRO A 84 1.52 -12.33 3.34
CA PRO A 84 2.16 -13.48 3.98
C PRO A 84 3.46 -13.13 4.72
N SER A 85 3.65 -13.74 5.88
CA SER A 85 4.85 -13.53 6.67
C SER A 85 5.98 -14.48 6.25
N HIS A 86 7.21 -14.11 6.60
CA HIS A 86 8.35 -14.99 6.35
C HIS A 86 8.46 -16.10 7.39
N MET A 87 7.68 -16.00 8.47
CA MET A 87 7.67 -17.05 9.49
C MET A 87 6.25 -17.33 9.94
N HIS A 88 5.55 -18.24 9.24
CA HIS A 88 4.16 -18.55 9.59
C HIS A 88 4.11 -19.20 10.96
N TYR A 89 5.10 -20.05 11.24
CA TYR A 89 5.14 -20.81 12.50
C TYR A 89 6.52 -20.64 13.10
N GLU A 90 6.66 -21.02 14.37
CA GLU A 90 7.99 -21.14 14.95
C GLU A 90 8.78 -22.17 14.12
N LEU A 91 10.07 -21.89 13.91
CA LEU A 91 10.97 -22.74 13.12
C LEU A 91 10.73 -22.68 11.61
N ASP A 92 9.76 -21.88 11.18
CA ASP A 92 9.54 -21.70 9.76
C ASP A 92 10.25 -20.44 9.24
N GLU A 93 10.99 -20.56 8.15
CA GLU A 93 11.54 -19.37 7.47
C GLU A 93 11.45 -19.53 5.96
N ASN A 94 10.89 -18.53 5.29
CA ASN A 94 10.74 -18.57 3.84
C ASN A 94 10.77 -17.15 3.31
N TYR A 95 11.71 -16.84 2.43
CA TYR A 95 11.89 -15.46 1.99
C TYR A 95 11.45 -15.27 0.55
N PHE A 96 10.47 -16.08 0.14
CA PHE A 96 9.97 -16.02 -1.22
C PHE A 96 8.44 -15.94 -1.32
N ARG A 97 7.78 -15.65 -0.19
CA ARG A 97 6.34 -15.50 -0.19
C ARG A 97 5.93 -14.08 -0.52
N GLY A 98 4.76 -13.93 -1.13
CA GLY A 98 4.19 -12.61 -1.39
C GLY A 98 4.86 -11.90 -2.54
N TYR A 99 4.76 -10.58 -2.55
CA TYR A 99 5.20 -9.81 -3.70
C TYR A 99 6.07 -8.60 -3.34
N GLU A 100 6.35 -8.38 -2.06
CA GLU A 100 7.15 -7.20 -1.69
C GLU A 100 8.63 -7.39 -2.07
N TRP A 101 9.13 -8.62 -1.97
CA TRP A 101 10.51 -8.88 -2.41
C TRP A 101 10.64 -8.52 -3.88
N TRP A 102 9.75 -9.08 -4.68
CA TRP A 102 9.72 -8.83 -6.11
C TRP A 102 9.63 -7.32 -6.40
N LEU A 103 8.74 -6.63 -5.69
CA LEU A 103 8.55 -5.21 -5.96
C LEU A 103 9.79 -4.38 -5.63
N MET A 104 10.41 -4.65 -4.50
CA MET A 104 11.64 -3.96 -4.15
C MET A 104 12.74 -4.18 -5.19
N LYS A 105 12.85 -5.41 -5.70
CA LYS A 105 13.84 -5.69 -6.73
C LYS A 105 13.54 -4.98 -8.04
N GLU A 106 12.26 -4.90 -8.39
CA GLU A 106 11.89 -4.21 -9.64
C GLU A 106 12.19 -2.73 -9.51
N ALA A 107 11.94 -2.17 -8.31
CA ALA A 107 12.20 -0.76 -8.06
C ALA A 107 13.70 -0.50 -8.11
N LYS A 108 14.47 -1.40 -7.49
CA LYS A 108 15.92 -1.23 -7.44
C LYS A 108 16.58 -1.35 -8.82
N LYS A 109 16.04 -2.24 -9.66
CA LYS A 109 16.56 -2.39 -11.02
C LYS A 109 16.42 -1.09 -11.81
N ARG A 110 15.32 -0.38 -11.60
CA ARG A 110 15.09 0.89 -12.29
C ARG A 110 15.84 2.03 -11.64
N ASN A 111 15.81 2.07 -10.31
CA ASN A 111 16.56 3.09 -9.58
C ASN A 111 17.40 2.47 -8.47
N PRO A 112 18.69 2.26 -8.77
CA PRO A 112 19.65 1.65 -7.83
C PRO A 112 19.82 2.44 -6.54
N ASP A 113 19.48 3.73 -6.58
CA ASP A 113 19.59 4.58 -5.40
C ASP A 113 18.27 4.74 -4.64
N ILE A 114 17.28 3.92 -4.96
CA ILE A 114 16.02 4.01 -4.23
C ILE A 114 16.20 3.66 -2.75
N ILE A 115 15.48 4.37 -1.88
CA ILE A 115 15.56 4.13 -0.44
C ILE A 115 14.48 3.13 -0.04
N LEU A 116 14.87 2.07 0.67
CA LEU A 116 13.92 1.03 1.05
C LEU A 116 13.58 1.03 2.53
N MET A 117 12.29 0.95 2.85
CA MET A 117 11.81 0.89 4.23
C MET A 117 10.90 -0.32 4.46
N GLY A 118 10.97 -0.89 5.66
CA GLY A 118 10.05 -1.96 6.06
C GLY A 118 9.32 -1.60 7.35
N LEU A 119 8.07 -2.04 7.48
CA LEU A 119 7.30 -1.77 8.71
C LEU A 119 6.27 -2.87 8.92
N PRO A 120 6.22 -3.47 10.13
CA PRO A 120 5.14 -4.43 10.37
C PRO A 120 3.81 -3.76 10.73
N TRP A 121 2.71 -4.32 10.23
CA TRP A 121 1.36 -3.95 10.70
C TRP A 121 0.84 -5.05 11.66
N SER A 122 0.92 -6.30 11.23
CA SER A 122 0.52 -7.43 12.07
C SER A 122 1.71 -8.36 12.29
N PHE A 123 1.56 -9.36 13.16
CA PHE A 123 2.60 -10.34 13.41
C PHE A 123 1.96 -11.71 13.52
N PRO A 124 2.71 -12.77 13.18
CA PRO A 124 2.17 -14.12 13.35
C PRO A 124 1.87 -14.40 14.82
N GLY A 125 0.81 -15.15 15.08
CA GLY A 125 0.34 -15.33 16.44
C GLY A 125 1.36 -15.95 17.38
N TRP A 126 2.24 -16.80 16.85
CA TRP A 126 3.16 -17.54 17.72
C TRP A 126 4.15 -16.62 18.44
N LEU A 127 4.41 -15.44 17.90
CA LEU A 127 5.29 -14.47 18.57
C LEU A 127 4.71 -13.98 19.90
N GLY A 128 3.40 -14.12 20.07
CA GLY A 128 2.74 -13.59 21.25
C GLY A 128 2.79 -14.56 22.42
N LYS A 129 3.26 -15.78 22.16
CA LYS A 129 3.47 -16.79 23.21
C LYS A 129 2.25 -16.95 24.11
N GLY A 130 1.06 -16.96 23.51
CA GLY A 130 -0.16 -17.08 24.29
C GLY A 130 -1.02 -15.82 24.35
N PHE A 131 -0.44 -14.67 23.99
CA PHE A 131 -1.19 -13.40 23.97
C PHE A 131 -1.15 -12.73 22.60
N SER A 132 -2.09 -11.83 22.34
CA SER A 132 -2.07 -11.09 21.08
C SER A 132 -1.26 -9.82 21.29
N TRP A 133 0.00 -9.95 21.67
CA TRP A 133 0.83 -8.80 22.01
C TRP A 133 2.28 -9.05 21.67
N PRO A 134 2.90 -8.15 20.88
CA PRO A 134 4.26 -8.42 20.38
C PRO A 134 5.35 -7.99 21.34
N TYR A 135 4.98 -7.48 22.51
CA TYR A 135 5.98 -7.05 23.46
C TYR A 135 6.12 -7.98 24.66
N VAL A 136 5.55 -9.18 24.55
CA VAL A 136 5.70 -10.20 25.60
C VAL A 136 7.15 -10.66 25.72
N ASN A 137 7.80 -10.86 24.58
CA ASN A 137 9.20 -11.29 24.57
C ASN A 137 9.89 -10.36 23.59
N LEU A 138 10.54 -9.31 24.08
CA LEU A 138 11.09 -8.28 23.20
C LEU A 138 12.09 -8.86 22.23
N GLN A 139 12.93 -9.76 22.72
CA GLN A 139 14.01 -10.29 21.90
C GLN A 139 13.45 -11.16 20.77
N LEU A 140 12.38 -11.91 21.07
CA LEU A 140 11.77 -12.78 20.04
C LEU A 140 11.18 -11.93 18.90
N THR A 141 10.47 -10.87 19.26
CA THR A 141 9.90 -10.02 18.22
C THR A 141 11.00 -9.33 17.42
N ALA A 142 12.04 -8.82 18.09
CA ALA A 142 13.16 -8.22 17.36
C ALA A 142 13.89 -9.25 16.47
N TYR A 143 14.03 -10.47 16.96
CA TYR A 143 14.60 -11.58 16.16
C TYR A 143 13.86 -11.79 14.84
N TYR A 144 12.53 -11.85 14.94
CA TYR A 144 11.65 -12.00 13.79
C TYR A 144 11.85 -10.87 12.78
N VAL A 145 11.87 -9.63 13.26
CA VAL A 145 12.01 -8.50 12.36
C VAL A 145 13.40 -8.47 11.72
N VAL A 146 14.43 -8.70 12.53
CA VAL A 146 15.78 -8.71 11.97
C VAL A 146 15.98 -9.86 10.96
N ARG A 147 15.31 -11.00 11.17
CA ARG A 147 15.30 -12.08 10.16
C ARG A 147 14.91 -11.53 8.82
N TRP A 148 13.90 -10.67 8.80
CA TRP A 148 13.35 -10.17 7.55
C TRP A 148 14.39 -9.31 6.85
N ILE A 149 15.12 -8.51 7.61
CA ILE A 149 16.10 -7.60 7.01
C ILE A 149 17.29 -8.38 6.47
N LEU A 150 17.75 -9.37 7.22
CA LEU A 150 18.83 -10.24 6.76
C LEU A 150 18.44 -11.00 5.49
N GLY A 151 17.19 -11.49 5.44
CA GLY A 151 16.71 -12.26 4.31
C GLY A 151 16.65 -11.40 3.05
N ALA A 152 16.26 -10.14 3.22
CA ALA A 152 16.23 -9.19 2.10
C ALA A 152 17.60 -9.11 1.43
N LYS A 153 18.63 -9.07 2.26
CA LYS A 153 20.00 -8.98 1.75
C LYS A 153 20.46 -10.32 1.18
N HIS A 154 20.28 -11.38 1.95
CA HIS A 154 20.85 -12.69 1.60
C HIS A 154 20.19 -13.35 0.41
N TYR A 155 18.89 -13.14 0.24
CA TYR A 155 18.16 -13.81 -0.83
C TYR A 155 17.82 -12.92 -2.01
N HIS A 156 17.83 -11.60 -1.82
CA HIS A 156 17.40 -10.66 -2.87
C HIS A 156 18.38 -9.54 -3.16
N ASP A 157 19.48 -9.52 -2.41
CA ASP A 157 20.52 -8.48 -2.54
C ASP A 157 19.94 -7.09 -2.29
N LEU A 158 19.06 -6.99 -1.30
CA LEU A 158 18.44 -5.71 -0.96
C LEU A 158 18.95 -5.23 0.37
N ASP A 159 19.34 -3.96 0.40
CA ASP A 159 19.72 -3.29 1.64
C ASP A 159 18.52 -2.48 2.13
N ILE A 160 17.97 -2.88 3.28
CA ILE A 160 16.87 -2.12 3.86
C ILE A 160 17.45 -0.91 4.57
N ASP A 161 16.99 0.29 4.23
CA ASP A 161 17.55 1.49 4.82
C ASP A 161 16.92 1.87 6.16
N TYR A 162 15.61 1.64 6.29
CA TYR A 162 14.91 2.04 7.50
C TYR A 162 14.00 0.94 8.01
N ILE A 163 13.96 0.76 9.32
CA ILE A 163 13.04 -0.19 9.94
C ILE A 163 12.15 0.58 10.91
N GLY A 164 10.85 0.28 10.93
CA GLY A 164 9.92 0.91 11.84
C GLY A 164 9.50 -0.04 12.95
N ILE A 165 8.47 0.34 13.70
CA ILE A 165 8.15 -0.36 14.96
C ILE A 165 6.88 -1.19 14.82
N TRP A 166 5.71 -0.58 15.02
CA TRP A 166 4.43 -1.29 14.84
C TRP A 166 3.41 -0.29 14.31
N ASN A 167 3.02 -0.42 13.04
CA ASN A 167 2.20 0.60 12.37
C ASN A 167 0.97 1.09 13.13
N GLU A 168 0.94 2.38 13.47
CA GLU A 168 -0.21 2.99 14.16
C GLU A 168 -0.63 2.30 15.45
N ARG A 169 0.34 1.70 16.15
CA ARG A 169 0.07 0.96 17.40
C ARG A 169 1.13 1.34 18.42
N PRO A 170 0.93 1.02 19.71
CA PRO A 170 1.88 1.53 20.70
C PRO A 170 3.29 1.03 20.46
N PHE A 171 4.27 1.88 20.78
CA PHE A 171 5.66 1.42 20.79
C PHE A 171 6.04 1.03 22.22
N ASP A 172 7.14 0.32 22.37
CA ASP A 172 7.67 0.00 23.69
C ASP A 172 9.11 0.47 23.63
N ALA A 173 9.52 1.32 24.56
CA ALA A 173 10.85 1.94 24.46
C ALA A 173 11.94 0.87 24.58
N ASN A 174 11.70 -0.12 25.43
CA ASN A 174 12.64 -1.22 25.59
C ASN A 174 12.73 -2.07 24.31
N TYR A 175 11.61 -2.24 23.62
CA TYR A 175 11.64 -2.93 22.33
C TYR A 175 12.53 -2.17 21.35
N ILE A 176 12.34 -0.86 21.26
CA ILE A 176 13.13 -0.10 20.31
C ILE A 176 14.63 -0.23 20.63
N LYS A 177 14.98 -0.14 21.91
CA LYS A 177 16.37 -0.34 22.32
C LYS A 177 16.89 -1.75 22.00
N GLU A 178 16.07 -2.78 22.21
CA GLU A 178 16.47 -4.15 21.90
CA GLU A 178 16.45 -4.15 21.91
C GLU A 178 16.61 -4.33 20.40
N LEU A 179 15.74 -3.68 19.64
CA LEU A 179 15.84 -3.75 18.18
C LEU A 179 17.17 -3.17 17.68
N ARG A 180 17.58 -2.04 18.25
CA ARG A 180 18.87 -1.41 17.86
C ARG A 180 20.06 -2.34 18.19
N LYS A 181 20.01 -2.91 19.39
CA LYS A 181 21.06 -3.81 19.87
C LYS A 181 21.15 -5.04 18.99
N MET A 182 20.01 -5.61 18.64
CA MET A 182 20.02 -6.80 17.77
C MET A 182 20.45 -6.50 16.32
N LEU A 183 20.01 -5.38 15.76
CA LEU A 183 20.50 -4.94 14.46
C LEU A 183 22.02 -4.86 14.47
N ASP A 184 22.57 -4.15 15.45
CA ASP A 184 24.02 -4.00 15.55
C ASP A 184 24.72 -5.36 15.68
N TYR A 185 24.17 -6.22 16.53
CA TYR A 185 24.71 -7.55 16.77
C TYR A 185 24.76 -8.39 15.49
N GLN A 186 23.82 -8.16 14.58
CA GLN A 186 23.74 -8.92 13.34
C GLN A 186 24.43 -8.20 12.19
N GLY A 187 25.22 -7.17 12.51
CA GLY A 187 26.00 -6.48 11.49
C GLY A 187 25.22 -5.48 10.66
N LEU A 188 24.08 -5.03 11.19
CA LEU A 188 23.22 -4.11 10.45
C LEU A 188 23.24 -2.72 11.09
N GLN A 189 24.43 -2.24 11.42
CA GLN A 189 24.58 -0.91 12.01
C GLN A 189 24.10 0.16 11.07
N ARG A 190 24.18 -0.09 9.76
CA ARG A 190 23.75 0.91 8.79
C ARG A 190 22.22 1.08 8.69
N VAL A 191 21.46 0.13 9.20
CA VAL A 191 20.00 0.24 9.15
C VAL A 191 19.57 1.26 10.17
N ARG A 192 18.75 2.23 9.78
CA ARG A 192 18.25 3.26 10.71
C ARG A 192 16.83 2.97 11.20
N ILE A 193 16.49 3.52 12.36
CA ILE A 193 15.17 3.30 12.96
C ILE A 193 14.26 4.54 12.87
N ILE A 194 13.04 4.32 12.40
CA ILE A 194 12.01 5.37 12.37
C ILE A 194 10.89 5.01 13.35
N ALA A 195 10.43 5.98 14.15
CA ALA A 195 9.41 5.73 15.16
C ALA A 195 8.41 6.88 15.22
N SER A 196 7.16 6.63 15.64
CA SER A 196 6.64 5.31 15.94
C SER A 196 5.53 4.99 14.93
N ASP A 197 5.51 5.74 13.83
CA ASP A 197 4.51 5.55 12.78
C ASP A 197 3.10 5.65 13.32
N ASN A 198 2.87 6.69 14.10
CA ASN A 198 1.55 6.97 14.63
C ASN A 198 1.44 8.50 14.74
N LEU A 199 1.16 9.03 15.93
CA LEU A 199 1.06 10.49 16.08
C LEU A 199 2.39 11.06 16.55
N TRP A 200 2.50 12.39 16.68
CA TRP A 200 3.75 12.99 17.17
C TRP A 200 4.05 12.59 18.60
N GLU A 201 3.00 12.37 19.39
CA GLU A 201 3.15 11.89 20.76
C GLU A 201 2.57 10.48 20.88
N PRO A 202 3.13 9.65 21.79
CA PRO A 202 4.15 10.06 22.75
C PRO A 202 5.61 9.93 22.30
N ILE A 203 5.91 9.60 21.05
CA ILE A 203 7.32 9.43 20.66
C ILE A 203 8.18 10.68 20.91
N SER A 204 7.65 11.86 20.59
CA SER A 204 8.45 13.08 20.65
C SER A 204 8.88 13.46 22.06
N SER A 205 7.93 13.49 22.99
CA SER A 205 8.29 13.79 24.39
C SER A 205 9.18 12.70 24.99
N SER A 206 8.92 11.44 24.62
CA SER A 206 9.77 10.34 25.07
C SER A 206 11.24 10.52 24.72
N LEU A 207 11.51 11.04 23.51
CA LEU A 207 12.89 11.27 23.08
C LEU A 207 13.56 12.38 23.89
N LEU A 208 12.79 13.35 24.37
CA LEU A 208 13.37 14.47 25.12
C LEU A 208 13.70 14.04 26.55
N LEU A 209 12.99 13.04 27.05
CA LEU A 209 13.10 12.61 28.43
C LEU A 209 14.04 11.41 28.63
N ASP A 210 14.45 10.76 27.53
CA ASP A 210 15.22 9.52 27.64
C ASP A 210 16.36 9.60 26.64
N GLN A 211 17.55 9.90 27.15
CA GLN A 211 18.72 10.06 26.30
C GLN A 211 19.05 8.77 25.53
N GLU A 212 18.85 7.62 26.17
CA GLU A 212 19.20 6.37 25.49
C GLU A 212 18.24 6.09 24.33
N LEU A 213 16.98 6.45 24.51
CA LEU A 213 16.01 6.31 23.41
C LEU A 213 16.34 7.28 22.29
N TRP A 214 16.69 8.51 22.67
CA TRP A 214 17.05 9.52 21.68
C TRP A 214 18.19 9.04 20.78
N LYS A 215 19.18 8.38 21.37
CA LYS A 215 20.32 7.94 20.56
C LYS A 215 19.91 6.88 19.52
N VAL A 216 18.93 6.03 19.85
CA VAL A 216 18.61 4.92 18.94
C VAL A 216 17.53 5.24 17.88
N VAL A 217 16.85 6.37 17.99
CA VAL A 217 15.84 6.72 17.00
C VAL A 217 16.37 7.75 16.00
N ASP A 218 16.37 7.42 14.72
CA ASP A 218 16.95 8.30 13.73
C ASP A 218 15.94 9.26 13.11
N VAL A 219 14.68 8.83 12.99
CA VAL A 219 13.65 9.63 12.33
C VAL A 219 12.32 9.55 13.09
N ILE A 220 11.67 10.69 13.29
CA ILE A 220 10.30 10.66 13.83
C ILE A 220 9.35 10.61 12.65
N GLY A 221 8.65 9.49 12.51
CA GLY A 221 7.70 9.32 11.42
C GLY A 221 6.29 9.45 11.95
N ALA A 222 5.56 10.46 11.49
CA ALA A 222 4.18 10.68 11.95
C ALA A 222 3.20 10.52 10.80
N HIS A 223 1.96 10.17 11.12
CA HIS A 223 0.95 9.92 10.08
C HIS A 223 -0.11 11.02 10.00
N TYR A 224 -0.56 11.31 8.77
CA TYR A 224 -1.61 12.29 8.50
C TYR A 224 -1.51 13.55 9.36
N PRO A 225 -0.36 14.22 9.31
CA PRO A 225 -0.12 15.31 10.26
C PRO A 225 -0.79 16.63 9.86
N GLY A 226 -1.47 16.67 8.72
CA GLY A 226 -2.12 17.91 8.29
C GLY A 226 -1.15 19.05 8.08
N THR A 227 0.04 18.71 7.57
CA THR A 227 1.13 19.65 7.27
C THR A 227 1.85 20.24 8.48
N TYR A 228 1.38 19.95 9.68
CA TYR A 228 2.01 20.50 10.90
C TYR A 228 2.75 19.47 11.74
N THR A 229 3.72 19.96 12.54
CA THR A 229 4.37 19.15 13.57
C THR A 229 4.06 19.70 14.98
N VAL A 230 4.83 19.33 16.00
CA VAL A 230 4.63 19.83 17.36
C VAL A 230 5.97 20.28 17.93
N TRP A 231 5.94 21.15 18.94
CA TRP A 231 7.17 21.72 19.50
C TRP A 231 8.19 20.65 19.95
N ASN A 232 7.73 19.62 20.66
CA ASN A 232 8.65 18.56 21.11
C ASN A 232 9.41 17.90 19.96
N ALA A 233 8.76 17.77 18.80
CA ALA A 233 9.43 17.12 17.66
C ALA A 233 10.50 18.04 17.08
N LYS A 234 10.20 19.34 17.00
CA LYS A 234 11.19 20.32 16.60
C LYS A 234 12.38 20.30 17.57
N MET A 235 12.07 20.32 18.87
CA MET A 235 13.11 20.29 19.90
C MET A 235 14.02 19.06 19.84
N SER A 236 13.50 17.93 19.35
CA SER A 236 14.26 16.68 19.31
C SER A 236 15.50 16.82 18.42
N GLY A 237 15.37 17.67 17.41
CA GLY A 237 16.42 17.81 16.41
C GLY A 237 16.47 16.66 15.42
N LYS A 238 15.54 15.71 15.54
CA LYS A 238 15.48 14.59 14.57
C LYS A 238 14.86 14.99 13.22
N LYS A 239 15.19 14.24 12.17
CA LYS A 239 14.45 14.34 10.92
C LYS A 239 12.97 14.03 11.19
N LEU A 240 12.08 14.76 10.54
CA LEU A 240 10.63 14.58 10.74
C LEU A 240 10.05 14.23 9.38
N TRP A 241 9.38 13.09 9.27
CA TRP A 241 8.80 12.65 8.01
C TRP A 241 7.32 12.44 8.18
N SER A 242 6.54 12.78 7.17
CA SER A 242 5.17 12.30 7.13
C SER A 242 5.27 10.89 6.53
N SER A 243 5.30 9.87 7.39
CA SER A 243 5.60 8.51 6.91
C SER A 243 4.37 7.75 6.42
N GLU A 244 3.20 8.37 6.56
CA GLU A 244 1.97 7.89 5.90
C GLU A 244 1.04 9.08 5.69
N ASP A 245 0.74 9.38 4.43
CA ASP A 245 -0.15 10.51 4.08
C ASP A 245 -0.96 10.15 2.83
N PHE A 246 -1.68 11.13 2.27
CA PHE A 246 -2.46 10.96 1.04
C PHE A 246 -3.74 10.13 1.24
N SER A 247 -3.75 8.86 0.82
CA SER A 247 -4.89 7.98 1.08
C SER A 247 -6.22 8.54 0.53
N THR A 248 -6.15 9.24 -0.59
CA THR A 248 -7.32 9.90 -1.19
C THR A 248 -7.49 9.43 -2.63
N ILE A 249 -8.74 9.28 -3.10
CA ILE A 249 -9.01 8.79 -4.47
C ILE A 249 -8.17 9.57 -5.49
N ASN A 250 -7.57 8.85 -6.44
CA ASN A 250 -6.58 9.47 -7.32
C ASN A 250 -7.15 10.25 -8.51
N SER A 251 -8.30 10.88 -8.31
CA SER A 251 -8.84 11.84 -9.27
C SER A 251 -8.02 13.12 -9.20
N ASN A 252 -8.52 14.17 -9.84
CA ASN A 252 -7.89 15.48 -9.71
C ASN A 252 -7.89 16.00 -8.26
N VAL A 253 -8.92 15.65 -7.49
CA VAL A 253 -8.98 16.05 -6.08
C VAL A 253 -7.80 15.49 -5.29
N GLY A 254 -7.55 14.19 -5.44
CA GLY A 254 -6.42 13.55 -4.80
C GLY A 254 -5.10 14.15 -5.23
N ALA A 255 -4.97 14.39 -6.54
CA ALA A 255 -3.77 14.98 -7.08
C ALA A 255 -3.53 16.36 -6.44
N GLY A 256 -4.61 17.11 -6.21
CA GLY A 256 -4.51 18.43 -5.58
C GLY A 256 -4.03 18.33 -4.14
N CYS A 257 -4.62 17.38 -3.40
CA CYS A 257 -4.18 17.09 -2.04
C CYS A 257 -2.68 16.76 -2.02
N TRP A 258 -2.24 15.88 -2.91
CA TRP A 258 -0.83 15.45 -2.97
C TRP A 258 0.06 16.65 -3.25
N SER A 259 -0.29 17.44 -4.27
CA SER A 259 0.49 18.62 -4.60
C SER A 259 0.64 19.57 -3.42
N ARG A 260 -0.48 19.89 -2.79
CA ARG A 260 -0.46 20.85 -1.69
C ARG A 260 0.40 20.38 -0.50
N ILE A 261 0.26 19.11 -0.12
CA ILE A 261 0.99 18.64 1.06
C ILE A 261 2.46 18.38 0.77
N LEU A 262 2.81 18.08 -0.48
CA LEU A 262 4.21 17.89 -0.81
C LEU A 262 5.01 19.16 -0.48
N ASN A 263 4.51 20.32 -0.92
CA ASN A 263 5.10 21.60 -0.52
C ASN A 263 4.96 21.90 0.96
N GLN A 264 3.73 21.87 1.46
CA GLN A 264 3.44 22.45 2.78
C GLN A 264 3.82 21.60 4.01
N ASN A 265 4.01 20.30 3.83
CA ASN A 265 4.56 19.48 4.91
C ASN A 265 5.93 20.03 5.34
N TYR A 266 6.74 20.49 4.39
CA TYR A 266 7.99 21.11 4.78
C TYR A 266 7.80 22.55 5.27
N ILE A 267 7.03 23.33 4.55
CA ILE A 267 6.84 24.74 4.90
C ILE A 267 6.19 24.87 6.28
N ASN A 268 5.10 24.15 6.49
CA ASN A 268 4.38 24.31 7.74
C ASN A 268 4.92 23.44 8.88
N GLY A 269 5.48 22.28 8.55
CA GLY A 269 5.83 21.29 9.56
C GLY A 269 7.26 20.81 9.65
N ASN A 270 8.17 21.40 8.86
CA ASN A 270 9.58 21.01 8.88
C ASN A 270 9.78 19.55 8.48
N MET A 271 8.83 18.99 7.75
CA MET A 271 8.94 17.60 7.30
C MET A 271 9.65 17.50 5.97
N THR A 272 10.68 16.68 5.93
CA THR A 272 11.61 16.63 4.82
C THR A 272 11.43 15.37 3.97
N SER A 273 10.44 14.57 4.35
CA SER A 273 9.98 13.47 3.50
C SER A 273 8.47 13.30 3.69
N THR A 274 7.79 12.98 2.60
CA THR A 274 6.38 12.63 2.65
C THR A 274 6.21 11.33 1.87
N ILE A 275 5.46 10.38 2.43
CA ILE A 275 5.29 9.05 1.81
C ILE A 275 3.81 8.75 1.67
N ALA A 276 3.35 8.59 0.42
CA ALA A 276 1.94 8.32 0.15
C ALA A 276 1.50 6.88 0.42
N TRP A 277 0.40 6.69 1.14
CA TRP A 277 -0.33 5.42 1.07
C TRP A 277 -1.43 5.63 0.04
N ASN A 278 -1.45 4.88 -1.05
CA ASN A 278 -0.49 3.81 -1.35
C ASN A 278 0.17 3.97 -2.74
N LEU A 279 1.12 3.10 -3.06
CA LEU A 279 1.93 3.19 -4.27
C LEU A 279 1.14 3.11 -5.58
N VAL A 280 0.28 2.10 -5.68
CA VAL A 280 -0.50 1.87 -6.89
C VAL A 280 -1.75 1.12 -6.48
N ALA A 281 -2.90 1.53 -6.99
CA ALA A 281 -4.13 0.85 -6.61
C ALA A 281 -4.30 -0.43 -7.41
N SER A 282 -3.75 -1.53 -6.88
CA SER A 282 -3.86 -2.84 -7.49
C SER A 282 -4.59 -3.79 -6.55
N TYR A 283 -5.78 -3.36 -6.13
CA TYR A 283 -6.63 -4.17 -5.28
C TYR A 283 -8.05 -3.83 -5.72
N TYR A 284 -8.99 -4.75 -5.56
CA TYR A 284 -10.37 -4.54 -6.00
C TYR A 284 -10.92 -3.22 -5.45
N GLU A 285 -11.52 -2.40 -6.32
CA GLU A 285 -11.87 -1.00 -5.97
C GLU A 285 -12.94 -0.93 -4.88
N GLU A 286 -13.70 -2.02 -4.73
CA GLU A 286 -14.75 -2.06 -3.72
C GLU A 286 -14.25 -2.49 -2.33
N LEU A 287 -12.95 -2.79 -2.24
CA LEU A 287 -12.30 -2.95 -0.93
C LEU A 287 -12.07 -1.55 -0.34
N PRO A 288 -11.80 -1.43 0.99
CA PRO A 288 -11.65 -0.11 1.61
C PRO A 288 -10.66 0.83 0.89
N TYR A 289 -11.04 2.10 0.76
CA TYR A 289 -10.18 3.12 0.15
C TYR A 289 -9.81 2.81 -1.30
N GLY A 290 -10.76 2.24 -2.05
CA GLY A 290 -10.53 1.92 -3.45
C GLY A 290 -9.95 3.07 -4.26
N ARG A 291 -9.08 2.74 -5.21
CA ARG A 291 -8.41 3.74 -6.06
C ARG A 291 -7.66 4.87 -5.34
N SER A 292 -7.05 4.58 -4.19
CA SER A 292 -6.28 5.58 -3.45
C SER A 292 -4.77 5.35 -3.57
N GLY A 293 -4.31 5.03 -4.78
CA GLY A 293 -2.90 4.92 -5.06
C GLY A 293 -2.47 6.01 -6.04
N LEU A 294 -1.17 6.25 -6.15
CA LEU A 294 -0.67 7.28 -7.05
C LEU A 294 -1.15 7.08 -8.49
N MET A 295 -1.32 5.82 -8.88
CA MET A 295 -2.00 5.46 -10.14
C MET A 295 -2.86 4.22 -9.91
N THR A 296 -3.45 3.71 -10.99
CA THR A 296 -4.40 2.59 -10.89
C THR A 296 -4.03 1.44 -11.81
N ALA A 297 -3.96 0.24 -11.25
CA ALA A 297 -3.73 -0.96 -12.06
C ALA A 297 -4.50 -2.12 -11.45
N GLN A 298 -5.83 -2.08 -11.60
CA GLN A 298 -6.68 -3.05 -10.93
C GLN A 298 -7.32 -4.08 -11.89
N GLU A 299 -6.70 -4.31 -13.05
CA GLU A 299 -7.26 -5.23 -14.04
C GLU A 299 -6.20 -6.05 -14.78
N PRO A 300 -5.53 -6.97 -14.08
CA PRO A 300 -4.50 -7.80 -14.74
C PRO A 300 -5.06 -8.70 -15.84
N TRP A 301 -6.33 -9.10 -15.75
CA TRP A 301 -6.97 -9.92 -16.78
C TRP A 301 -7.11 -9.16 -18.09
N SER A 302 -7.14 -7.83 -18.04
CA SER A 302 -7.30 -7.01 -19.25
C SER A 302 -5.99 -6.32 -19.65
N GLY A 303 -5.21 -5.91 -18.65
CA GLY A 303 -3.98 -5.16 -18.91
C GLY A 303 -4.22 -3.68 -18.82
N HIS A 304 -5.48 -3.29 -18.62
CA HIS A 304 -5.84 -1.89 -18.53
C HIS A 304 -5.28 -1.28 -17.23
N TYR A 305 -4.56 -0.18 -17.35
CA TYR A 305 -4.14 0.60 -16.17
C TYR A 305 -4.33 2.08 -16.44
N VAL A 306 -4.26 2.90 -15.40
CA VAL A 306 -4.45 4.34 -15.55
C VAL A 306 -3.33 5.15 -14.90
N VAL A 307 -2.61 5.91 -15.71
CA VAL A 307 -1.60 6.85 -15.21
C VAL A 307 -2.32 8.08 -14.66
N ALA A 308 -2.76 7.98 -13.40
CA ALA A 308 -3.55 9.04 -12.77
C ALA A 308 -2.71 10.30 -12.54
N SER A 309 -3.38 11.44 -12.39
CA SER A 309 -2.69 12.71 -12.18
C SER A 309 -1.66 12.78 -11.03
N PRO A 310 -1.88 12.03 -9.92
CA PRO A 310 -0.86 12.15 -8.87
C PRO A 310 0.53 11.74 -9.33
N ILE A 311 0.60 10.85 -10.31
CA ILE A 311 1.88 10.51 -10.95
C ILE A 311 2.64 11.76 -11.42
N TRP A 312 1.93 12.68 -12.10
CA TRP A 312 2.60 13.88 -12.62
C TRP A 312 2.85 14.90 -11.53
N VAL A 313 1.97 14.94 -10.53
CA VAL A 313 2.21 15.77 -9.37
C VAL A 313 3.52 15.38 -8.68
N SER A 314 3.75 14.08 -8.57
CA SER A 314 5.00 13.57 -8.00
C SER A 314 6.22 14.03 -8.81
N ALA A 315 6.14 13.88 -10.13
CA ALA A 315 7.20 14.28 -11.04
C ALA A 315 7.67 15.72 -10.83
N HIS A 316 6.74 16.63 -10.60
CA HIS A 316 7.07 18.04 -10.38
C HIS A 316 8.10 18.21 -9.27
N THR A 317 8.13 17.28 -8.33
CA THR A 317 9.12 17.32 -7.25
C THR A 317 10.23 16.29 -7.52
N THR A 318 9.85 15.04 -7.79
CA THR A 318 10.82 13.95 -7.82
C THR A 318 11.82 13.99 -8.98
N GLN A 319 11.41 14.46 -10.16
CA GLN A 319 12.34 14.55 -11.29
C GLN A 319 13.38 15.65 -11.12
N PHE A 320 13.12 16.55 -10.18
CA PHE A 320 13.90 17.77 -10.08
C PHE A 320 14.54 18.00 -8.71
N THR A 321 14.43 16.99 -7.85
CA THR A 321 15.08 16.93 -6.53
C THR A 321 15.64 15.52 -6.32
N GLN A 322 16.59 15.38 -5.41
CA GLN A 322 17.05 14.05 -4.95
C GLN A 322 17.34 14.12 -3.45
N PRO A 323 17.22 12.97 -2.75
CA PRO A 323 17.61 12.95 -1.32
C PRO A 323 19.05 13.42 -1.21
N GLY A 324 19.34 14.32 -0.27
CA GLY A 324 20.66 14.90 -0.18
C GLY A 324 20.74 16.35 -0.63
N TRP A 325 19.78 16.78 -1.45
CA TRP A 325 19.60 18.21 -1.70
C TRP A 325 19.17 18.87 -0.40
N TYR A 326 19.28 20.20 -0.34
CA TYR A 326 18.79 20.98 0.80
C TYR A 326 17.67 21.96 0.42
N TYR A 327 16.73 22.16 1.33
CA TYR A 327 15.75 23.22 1.17
C TYR A 327 16.47 24.54 1.45
N LEU A 328 16.04 25.61 0.79
CA LEU A 328 16.52 26.95 1.17
C LEU A 328 15.76 27.37 2.42
N LYS A 329 16.27 28.39 3.11
CA LYS A 329 15.53 28.99 4.22
C LYS A 329 14.34 29.75 3.68
N THR A 330 14.43 30.14 2.41
CA THR A 330 13.43 30.98 1.78
C THR A 330 12.33 30.18 1.08
N VAL A 331 11.40 29.65 1.87
CA VAL A 331 10.20 29.04 1.32
C VAL A 331 9.02 29.66 2.07
N GLY A 332 7.81 29.54 1.53
CA GLY A 332 6.66 30.05 2.23
C GLY A 332 5.37 30.05 1.43
N HIS A 333 4.37 30.74 1.97
CA HIS A 333 3.06 30.85 1.33
C HIS A 333 3.02 32.06 0.40
N LEU A 334 2.13 32.01 -0.59
CA LEU A 334 1.93 33.13 -1.50
C LEU A 334 0.85 34.05 -0.95
N GLU A 335 0.97 35.36 -1.24
CA GLU A 335 0.05 36.37 -0.69
C GLU A 335 -1.43 36.00 -0.86
N LYS A 336 -1.79 35.47 -2.03
CA LYS A 336 -3.19 35.19 -2.34
C LYS A 336 -3.52 33.69 -2.35
N GLY A 337 -2.71 32.89 -1.67
CA GLY A 337 -2.96 31.45 -1.57
C GLY A 337 -1.96 30.60 -2.34
N GLY A 338 -1.67 29.41 -1.82
CA GLY A 338 -0.66 28.57 -2.45
C GLY A 338 0.68 28.77 -1.79
N SER A 339 1.71 28.10 -2.33
CA SER A 339 2.99 28.04 -1.65
C SER A 339 4.12 27.80 -2.65
N TYR A 340 5.35 28.00 -2.18
CA TYR A 340 6.54 27.73 -3.00
C TYR A 340 7.62 27.15 -2.11
N VAL A 341 8.34 26.14 -2.60
CA VAL A 341 9.57 25.72 -1.96
C VAL A 341 10.69 25.83 -2.97
N ALA A 342 11.93 25.88 -2.49
CA ALA A 342 13.10 25.92 -3.35
C ALA A 342 14.22 25.08 -2.74
N LEU A 343 14.95 24.37 -3.60
CA LEU A 343 16.01 23.48 -3.15
C LEU A 343 17.24 23.61 -4.04
N THR A 344 18.42 23.38 -3.49
CA THR A 344 19.65 23.33 -4.27
C THR A 344 20.37 22.03 -3.99
N ASP A 345 21.40 21.72 -4.78
CA ASP A 345 22.18 20.50 -4.58
C ASP A 345 23.62 20.79 -4.15
N GLY A 346 23.90 22.06 -3.88
CA GLY A 346 25.24 22.48 -3.55
C GLY A 346 26.19 22.44 -4.75
N LEU A 347 25.64 22.23 -5.95
CA LEU A 347 26.47 22.11 -7.15
C LEU A 347 26.11 23.19 -8.17
N GLY A 348 25.18 24.06 -7.82
CA GLY A 348 24.80 25.15 -8.70
C GLY A 348 23.40 25.01 -9.26
N ASN A 349 22.78 23.86 -9.05
CA ASN A 349 21.41 23.69 -9.51
C ASN A 349 20.40 24.24 -8.52
N LEU A 350 19.23 24.61 -9.06
CA LEU A 350 18.17 25.19 -8.25
C LEU A 350 16.83 24.70 -8.76
N THR A 351 15.96 24.28 -7.86
CA THR A 351 14.62 23.86 -8.23
C THR A 351 13.57 24.61 -7.42
N ILE A 352 12.57 25.14 -8.11
CA ILE A 352 11.51 25.91 -7.48
C ILE A 352 10.18 25.24 -7.81
N ILE A 353 9.41 24.89 -6.79
CA ILE A 353 8.14 24.22 -6.99
C ILE A 353 7.01 25.06 -6.42
N ILE A 354 6.12 25.51 -7.30
CA ILE A 354 5.03 26.38 -6.90
C ILE A 354 3.69 25.68 -7.08
N GLU A 355 2.83 25.85 -6.09
CA GLU A 355 1.54 25.18 -6.06
C GLU A 355 0.48 26.21 -5.66
N THR A 356 -0.67 26.20 -6.33
CA THR A 356 -1.76 27.11 -6.00
C THR A 356 -3.08 26.36 -5.85
N MET A 357 -3.06 25.25 -5.10
CA MET A 357 -4.23 24.38 -4.99
C MET A 357 -5.42 25.02 -4.26
N SER A 358 -6.57 25.07 -4.93
CA SER A 358 -7.81 25.58 -4.34
C SER A 358 -8.34 24.62 -3.28
N HIS A 359 -9.05 25.16 -2.31
CA HIS A 359 -9.64 24.35 -1.26
C HIS A 359 -10.59 23.28 -1.79
N GLN A 360 -11.51 23.69 -2.65
CA GLN A 360 -12.55 22.78 -3.14
C GLN A 360 -11.98 21.62 -3.97
N HIS A 361 -10.76 21.79 -4.48
CA HIS A 361 -10.14 20.78 -5.33
C HIS A 361 -8.87 20.13 -4.76
N SER A 362 -8.71 20.12 -3.44
CA SER A 362 -7.49 19.56 -2.87
C SER A 362 -7.66 18.96 -1.49
N MET A 363 -8.90 18.58 -1.15
CA MET A 363 -9.14 18.01 0.16
C MET A 363 -8.59 16.58 0.26
N CYS A 364 -7.75 16.36 1.26
CA CYS A 364 -7.33 15.02 1.64
C CYS A 364 -8.40 14.47 2.56
N ILE A 365 -8.44 13.15 2.72
CA ILE A 365 -9.44 12.59 3.61
C ILE A 365 -9.12 12.87 5.08
N ARG A 366 -7.83 13.06 5.39
CA ARG A 366 -7.36 13.28 6.77
C ARG A 366 -6.20 14.27 6.82
N PRO A 367 -6.40 15.43 7.46
CA PRO A 367 -7.68 15.94 7.99
C PRO A 367 -8.40 16.75 6.91
N TYR A 368 -9.65 17.12 7.18
CA TYR A 368 -10.37 18.04 6.30
C TYR A 368 -10.06 19.48 6.73
N LEU A 369 -9.63 20.31 5.79
CA LEU A 369 -9.25 21.70 6.07
C LEU A 369 -10.43 22.66 6.00
N PRO A 370 -10.51 23.63 6.93
CA PRO A 370 -11.51 24.68 6.79
C PRO A 370 -11.19 25.53 5.57
N TYR A 371 -12.19 26.19 5.01
CA TYR A 371 -12.02 26.97 3.79
C TYR A 371 -10.82 27.91 3.83
N TYR A 372 -10.11 28.00 2.71
CA TYR A 372 -9.11 29.03 2.50
C TYR A 372 -9.22 29.48 1.06
N ASN A 373 -8.89 30.74 0.81
CA ASN A 373 -9.10 31.34 -0.49
C ASN A 373 -7.84 31.24 -1.34
N VAL A 374 -8.02 30.96 -2.63
CA VAL A 374 -6.97 31.14 -3.62
C VAL A 374 -7.53 31.97 -4.78
N SER A 375 -6.80 33.00 -5.19
CA SER A 375 -7.23 33.81 -6.32
C SER A 375 -6.06 34.17 -7.22
N HIS A 376 -6.36 34.74 -8.39
CA HIS A 376 -5.32 35.13 -9.32
C HIS A 376 -4.33 36.07 -8.63
N GLN A 377 -3.05 35.88 -8.93
CA GLN A 377 -2.02 36.74 -8.37
C GLN A 377 -0.79 36.71 -9.25
N LEU A 378 0.07 37.69 -9.02
CA LEU A 378 1.36 37.76 -9.68
C LEU A 378 2.40 37.45 -8.62
N ALA A 379 3.39 36.65 -8.98
CA ALA A 379 4.50 36.40 -8.08
C ALA A 379 5.83 36.75 -8.74
N THR A 380 6.57 37.64 -8.09
CA THR A 380 7.88 38.04 -8.55
C THR A 380 8.93 37.36 -7.69
N PHE A 381 9.87 36.66 -8.32
CA PHE A 381 10.94 36.01 -7.58
C PHE A 381 12.26 36.68 -7.89
N THR A 382 13.09 36.85 -6.87
CA THR A 382 14.41 37.45 -7.06
C THR A 382 15.48 36.56 -6.45
N LEU A 383 16.42 36.16 -7.30
CA LEU A 383 17.49 35.27 -6.89
C LEU A 383 18.65 36.06 -6.31
N LYS A 384 18.82 35.98 -4.99
CA LYS A 384 19.96 36.60 -4.33
C LYS A 384 21.03 35.54 -4.06
N GLY A 385 22.11 35.93 -3.41
CA GLY A 385 23.21 35.02 -3.13
C GLY A 385 23.75 34.32 -4.37
N SER A 386 24.12 33.06 -4.20
CA SER A 386 24.72 32.28 -5.28
C SER A 386 23.76 32.00 -6.42
N LEU A 387 22.48 32.28 -6.20
CA LEU A 387 21.45 32.00 -7.19
C LEU A 387 21.39 33.13 -8.22
N ARG A 388 21.92 34.29 -7.85
CA ARG A 388 21.94 35.46 -8.74
C ARG A 388 22.60 35.14 -10.09
N GLU A 389 23.66 34.34 -10.03
CA GLU A 389 24.45 34.00 -11.21
C GLU A 389 23.68 33.20 -12.27
N ILE A 390 22.56 32.59 -11.88
CA ILE A 390 21.77 31.76 -12.80
C ILE A 390 21.06 32.57 -13.87
N GLN A 391 21.21 32.17 -15.13
CA GLN A 391 20.64 32.91 -16.25
C GLN A 391 19.44 32.23 -16.90
N GLU A 392 19.23 30.95 -16.59
CA GLU A 392 18.29 30.14 -17.34
C GLU A 392 17.54 29.11 -16.47
N LEU A 393 16.27 28.89 -16.79
CA LEU A 393 15.45 27.92 -16.06
C LEU A 393 14.54 27.16 -17.03
N GLN A 394 14.56 25.83 -16.92
CA GLN A 394 13.54 25.02 -17.57
C GLN A 394 12.23 25.21 -16.81
N VAL A 395 11.11 25.14 -17.53
CA VAL A 395 9.79 25.38 -16.94
C VAL A 395 8.82 24.21 -17.18
N TRP A 396 8.28 23.64 -16.12
CA TRP A 396 7.28 22.58 -16.26
C TRP A 396 5.96 23.00 -15.65
N TYR A 397 4.85 22.62 -16.29
CA TYR A 397 3.54 23.15 -15.91
C TYR A 397 2.46 22.08 -15.89
N THR A 398 1.63 22.12 -14.85
CA THR A 398 0.48 21.23 -14.75
C THR A 398 -0.75 22.04 -14.35
N LYS A 399 -1.90 21.71 -14.94
CA LYS A 399 -3.16 22.33 -14.57
C LYS A 399 -4.16 21.24 -14.24
N LEU A 400 -4.69 21.27 -13.02
CA LEU A 400 -5.61 20.22 -12.58
C LEU A 400 -7.08 20.63 -12.75
N GLY A 401 -7.92 19.66 -13.11
CA GLY A 401 -9.34 19.91 -13.34
C GLY A 401 -9.90 19.10 -14.49
N ARG A 406 -7.84 19.97 -18.25
CA ARG A 406 -6.74 19.26 -17.61
C ARG A 406 -5.50 19.14 -18.51
N LEU A 407 -4.34 19.50 -17.97
CA LEU A 407 -3.06 19.54 -18.70
C LEU A 407 -1.93 19.06 -17.79
N HIS A 408 -1.28 17.96 -18.13
CA HIS A 408 -0.35 17.32 -17.18
C HIS A 408 1.14 17.34 -17.60
N PHE A 409 2.00 17.85 -16.71
CA PHE A 409 3.45 17.80 -16.86
C PHE A 409 3.92 18.24 -18.25
N LYS A 410 3.50 19.44 -18.63
CA LYS A 410 3.81 19.99 -19.95
C LYS A 410 5.01 20.91 -19.85
N GLN A 411 6.04 20.65 -20.64
CA GLN A 411 7.21 21.52 -20.66
C GLN A 411 6.91 22.79 -21.46
N LEU A 412 7.07 23.95 -20.81
CA LEU A 412 6.85 25.23 -21.47
C LEU A 412 8.17 25.84 -21.90
N ASP A 413 8.11 27.02 -22.52
CA ASP A 413 9.30 27.68 -23.00
C ASP A 413 10.24 28.09 -21.86
N THR A 414 11.52 27.85 -22.07
CA THR A 414 12.58 28.20 -21.13
C THR A 414 12.50 29.67 -20.69
N LEU A 415 12.83 29.93 -19.43
CA LEU A 415 12.92 31.30 -18.92
C LEU A 415 14.34 31.83 -18.93
N TRP A 416 14.53 32.99 -19.56
CA TRP A 416 15.85 33.61 -19.64
C TRP A 416 15.99 34.77 -18.66
N LEU A 417 17.08 34.74 -17.90
CA LEU A 417 17.38 35.78 -16.93
C LEU A 417 18.63 36.52 -17.40
N LEU A 418 18.41 37.56 -18.20
CA LEU A 418 19.51 38.21 -18.89
C LEU A 418 19.77 39.62 -18.37
N ASP A 419 18.72 40.31 -17.95
CA ASP A 419 18.84 41.72 -17.54
C ASP A 419 19.57 41.94 -16.22
N GLY A 420 20.46 41.01 -15.87
CA GLY A 420 21.29 41.12 -14.68
C GLY A 420 20.55 41.23 -13.36
N SER A 421 19.21 41.28 -13.43
CA SER A 421 18.37 41.52 -12.26
C SER A 421 18.29 40.31 -11.33
N GLY A 422 18.46 39.12 -11.89
CA GLY A 422 18.31 37.90 -11.13
C GLY A 422 16.87 37.78 -10.65
N SER A 423 15.96 38.31 -11.47
CA SER A 423 14.56 38.37 -11.10
C SER A 423 13.63 37.96 -12.24
N PHE A 424 12.44 37.46 -11.89
CA PHE A 424 11.42 37.08 -12.86
C PHE A 424 10.04 37.11 -12.21
N THR A 425 8.99 37.06 -13.04
CA THR A 425 7.63 37.21 -12.57
C THR A 425 6.70 36.22 -13.27
N LEU A 426 5.69 35.72 -12.55
CA LEU A 426 4.70 34.80 -13.12
C LEU A 426 3.27 35.24 -12.84
N GLU A 427 2.39 34.94 -13.78
CA GLU A 427 0.95 35.02 -13.55
C GLU A 427 0.50 33.65 -13.10
N LEU A 428 -0.09 33.57 -11.92
CA LEU A 428 -0.56 32.30 -11.38
C LEU A 428 -2.08 32.34 -11.27
N GLU A 429 -2.73 31.26 -11.69
CA GLU A 429 -4.14 31.09 -11.42
C GLU A 429 -4.32 29.98 -10.38
N GLU A 430 -5.49 29.37 -10.34
CA GLU A 430 -5.76 28.37 -9.31
C GLU A 430 -5.52 26.96 -9.81
N ASP A 431 -5.25 26.05 -8.87
CA ASP A 431 -5.07 24.64 -9.18
C ASP A 431 -3.91 24.40 -10.15
N GLU A 432 -2.85 25.18 -10.02
CA GLU A 432 -1.68 25.04 -10.88
C GLU A 432 -0.42 24.60 -10.14
N ILE A 433 0.47 23.91 -10.85
CA ILE A 433 1.83 23.63 -10.37
C ILE A 433 2.83 24.13 -11.40
N PHE A 434 3.92 24.73 -10.92
CA PHE A 434 5.03 25.14 -11.77
C PHE A 434 6.31 24.59 -11.15
N THR A 435 7.14 23.91 -11.95
CA THR A 435 8.50 23.62 -11.50
C THR A 435 9.49 24.36 -12.36
N LEU A 436 10.30 25.19 -11.72
CA LEU A 436 11.33 25.95 -12.39
C LEU A 436 12.67 25.44 -11.88
N THR A 437 13.49 24.94 -12.79
CA THR A 437 14.72 24.28 -12.40
C THR A 437 15.78 24.48 -13.45
N THR A 438 17.03 24.43 -13.02
CA THR A 438 18.17 24.49 -13.93
C THR A 438 18.35 23.15 -14.64
N LEU A 439 17.85 22.08 -14.02
CA LEU A 439 18.01 20.74 -14.56
C LEU A 439 17.37 20.56 -15.94
N THR A 440 18.09 19.90 -16.83
CA THR A 440 17.67 19.71 -18.22
C THR A 440 17.13 18.30 -18.48
N THR A 441 17.01 17.51 -17.41
CA THR A 441 16.75 16.08 -17.53
C THR A 441 15.27 15.69 -17.45
N GLY A 442 14.40 16.67 -17.29
CA GLY A 442 12.98 16.38 -17.13
C GLY A 442 12.43 15.63 -18.33
N ARG A 443 11.39 14.84 -18.10
CA ARG A 443 10.75 14.13 -19.20
C ARG A 443 9.38 13.61 -18.83
N LYS A 444 8.38 13.84 -19.68
CA LYS A 444 7.08 13.20 -19.45
C LYS A 444 7.08 11.85 -20.15
N GLY A 445 7.47 10.81 -19.43
CA GLY A 445 7.55 9.48 -19.99
C GLY A 445 6.22 9.04 -20.56
N SER A 446 6.29 8.21 -21.61
CA SER A 446 5.11 7.83 -22.35
C SER A 446 5.23 6.42 -22.91
N TYR A 447 4.16 5.64 -22.74
CA TYR A 447 3.99 4.37 -23.43
C TYR A 447 2.65 4.48 -24.12
N PRO A 448 2.46 3.71 -25.20
CA PRO A 448 1.17 3.71 -25.90
C PRO A 448 0.04 3.40 -24.92
N PRO A 449 -1.22 3.72 -25.29
CA PRO A 449 -2.29 3.37 -24.35
C PRO A 449 -2.38 1.85 -24.19
N PRO A 450 -2.72 1.39 -22.97
CA PRO A 450 -2.97 -0.02 -22.68
C PRO A 450 -4.42 -0.36 -23.05
N PRO A 451 -4.77 -1.66 -23.15
CA PRO A 451 -6.13 -2.12 -23.49
C PRO A 451 -7.23 -1.42 -22.69
N SER A 452 -8.43 -1.31 -23.28
CA SER A 452 -9.58 -0.74 -22.58
C SER A 452 -9.91 -1.55 -21.34
N SER A 453 -10.61 -0.94 -20.39
CA SER A 453 -11.05 -1.65 -19.20
C SER A 453 -12.06 -2.69 -19.61
N LYS A 454 -12.08 -3.80 -18.87
CA LYS A 454 -13.05 -4.89 -19.08
C LYS A 454 -13.33 -5.50 -17.72
N PRO A 455 -14.58 -5.92 -17.48
CA PRO A 455 -14.91 -6.55 -16.20
C PRO A 455 -14.17 -7.88 -16.04
N PHE A 456 -14.08 -8.39 -14.81
CA PHE A 456 -13.53 -9.71 -14.57
C PHE A 456 -14.27 -10.74 -15.44
N PRO A 457 -13.52 -11.66 -16.05
CA PRO A 457 -14.07 -12.73 -16.91
C PRO A 457 -15.28 -13.41 -16.28
N THR A 458 -16.40 -13.50 -17.01
CA THR A 458 -17.64 -14.07 -16.49
C THR A 458 -17.60 -15.58 -16.41
N ASN A 459 -16.59 -16.18 -17.04
CA ASN A 459 -16.25 -17.58 -16.85
C ASN A 459 -14.77 -17.65 -16.50
N TYR A 460 -14.45 -18.27 -15.37
CA TYR A 460 -13.08 -18.26 -14.86
C TYR A 460 -12.79 -19.57 -14.15
N LYS A 461 -11.59 -20.10 -14.35
CA LYS A 461 -11.21 -21.35 -13.72
C LYS A 461 -9.74 -21.33 -13.35
N ASP A 462 -9.39 -22.04 -12.29
CA ASP A 462 -8.00 -22.23 -11.92
C ASP A 462 -7.84 -23.59 -11.27
N ASP A 463 -6.99 -24.43 -11.86
CA ASP A 463 -6.73 -25.77 -11.34
C ASP A 463 -5.45 -25.81 -10.51
N PHE A 464 -4.84 -24.64 -10.34
CA PHE A 464 -3.62 -24.50 -9.54
C PHE A 464 -2.48 -25.45 -9.94
N ASN A 465 -2.51 -25.98 -11.16
CA ASN A 465 -1.49 -26.91 -11.61
C ASN A 465 -0.26 -26.17 -12.13
N VAL A 466 0.55 -25.68 -11.19
CA VAL A 466 1.77 -24.93 -11.50
C VAL A 466 2.88 -25.49 -10.61
N GLU A 467 3.91 -26.05 -11.23
CA GLU A 467 4.90 -26.80 -10.44
C GLU A 467 5.94 -25.90 -9.80
N TYR A 468 6.33 -24.85 -10.52
CA TYR A 468 7.25 -23.86 -9.97
C TYR A 468 6.66 -22.46 -10.14
N PRO A 469 5.72 -22.09 -9.26
CA PRO A 469 5.06 -20.79 -9.42
C PRO A 469 6.01 -19.64 -9.15
N LEU A 470 5.83 -18.54 -9.87
CA LEU A 470 6.67 -17.36 -9.68
C LEU A 470 6.30 -16.62 -8.40
N PHE A 471 5.02 -16.69 -8.04
CA PHE A 471 4.55 -16.14 -6.75
C PHE A 471 3.88 -17.22 -5.91
N SER A 472 3.87 -17.04 -4.60
CA SER A 472 3.42 -18.09 -3.67
C SER A 472 1.92 -18.33 -3.67
N GLU A 473 1.14 -17.45 -4.30
CA GLU A 473 -0.30 -17.64 -4.41
C GLU A 473 -0.86 -17.49 -5.84
N ALA A 474 -1.90 -18.25 -6.16
CA ALA A 474 -2.61 -18.14 -7.43
C ALA A 474 -3.09 -16.71 -7.67
N PRO A 475 -3.12 -16.28 -8.94
CA PRO A 475 -3.55 -14.91 -9.27
C PRO A 475 -4.98 -14.64 -8.85
N ASN A 476 -5.27 -13.37 -8.55
CA ASN A 476 -6.63 -12.87 -8.36
C ASN A 476 -7.30 -13.24 -7.04
N PHE A 477 -6.79 -14.26 -6.36
CA PHE A 477 -7.28 -14.57 -5.02
C PHE A 477 -6.71 -13.56 -4.02
N ALA A 478 -7.57 -12.70 -3.51
CA ALA A 478 -7.15 -11.69 -2.53
C ALA A 478 -7.55 -12.13 -1.12
N ASP A 479 -6.60 -12.63 -0.34
CA ASP A 479 -6.91 -13.13 1.00
C ASP A 479 -7.35 -11.99 1.91
N GLN A 480 -8.43 -12.18 2.66
CA GLN A 480 -8.93 -11.14 3.58
C GLN A 480 -8.85 -11.57 5.04
N THR A 481 -8.76 -12.88 5.29
CA THR A 481 -8.36 -13.40 6.60
C THR A 481 -7.73 -14.76 6.35
N GLY A 482 -6.63 -15.04 7.03
CA GLY A 482 -5.86 -16.24 6.69
C GLY A 482 -4.95 -15.98 5.49
N VAL A 483 -4.20 -16.99 5.10
CA VAL A 483 -3.25 -16.88 4.01
C VAL A 483 -3.35 -18.14 3.18
N PHE A 484 -3.53 -17.97 1.88
CA PHE A 484 -3.70 -19.10 0.96
C PHE A 484 -2.50 -19.20 0.02
N GLU A 485 -2.00 -20.43 -0.20
CA GLU A 485 -0.75 -20.63 -0.95
C GLU A 485 -0.83 -21.82 -1.89
N TYR A 486 -0.09 -21.75 -3.00
CA TYR A 486 0.11 -22.93 -3.84
C TYR A 486 0.66 -24.03 -2.95
N TYR A 487 0.22 -25.27 -3.19
CA TYR A 487 0.66 -26.39 -2.38
C TYR A 487 0.86 -27.62 -3.26
N MET A 488 1.99 -28.29 -3.11
CA MET A 488 2.22 -29.53 -3.86
C MET A 488 2.18 -30.73 -2.93
N ASN A 489 1.44 -31.75 -3.33
CA ASN A 489 1.38 -32.98 -2.57
C ASN A 489 1.79 -34.12 -3.49
N ASN A 490 3.04 -34.55 -3.41
CA ASN A 490 3.55 -35.61 -4.28
C ASN A 490 2.83 -36.93 -4.10
N GLU A 491 2.25 -37.12 -2.91
CA GLU A 491 1.63 -38.39 -2.54
C GLU A 491 0.24 -38.61 -3.12
N ASP A 492 -0.25 -37.60 -3.85
CA ASP A 492 -1.56 -37.68 -4.47
C ASP A 492 -1.41 -37.36 -5.95
N ARG A 493 -2.18 -38.06 -6.79
CA ARG A 493 -2.12 -37.86 -8.24
C ARG A 493 -3.14 -36.81 -8.72
N GLU A 494 -4.41 -37.04 -8.43
CA GLU A 494 -5.47 -36.14 -8.88
C GLU A 494 -5.36 -34.75 -8.23
N HIS A 495 -4.90 -34.73 -6.99
CA HIS A 495 -4.78 -33.46 -6.26
C HIS A 495 -3.33 -33.20 -5.85
N ARG A 496 -2.43 -33.32 -6.83
CA ARG A 496 -1.02 -33.07 -6.60
C ARG A 496 -0.73 -31.59 -6.41
N PHE A 497 -1.49 -30.73 -7.08
CA PHE A 497 -1.29 -29.28 -6.99
C PHE A 497 -2.56 -28.57 -6.54
N THR A 498 -2.55 -27.99 -5.35
CA THR A 498 -3.75 -27.39 -4.81
C THR A 498 -3.47 -25.99 -4.26
N LEU A 499 -4.51 -25.34 -3.75
CA LEU A 499 -4.37 -24.10 -2.98
C LEU A 499 -4.71 -24.44 -1.53
N ARG A 500 -3.84 -24.07 -0.61
CA ARG A 500 -3.99 -24.46 0.79
C ARG A 500 -4.02 -23.24 1.71
N GLN A 501 -4.92 -23.23 2.69
CA GLN A 501 -4.91 -22.19 3.72
C GLN A 501 -3.92 -22.65 4.78
N VAL A 502 -2.99 -21.79 5.15
CA VAL A 502 -1.82 -22.23 5.91
C VAL A 502 -1.69 -21.71 7.34
N LEU A 503 -2.56 -20.80 7.76
CA LEU A 503 -2.48 -20.36 9.16
C LEU A 503 -3.14 -21.36 10.07
N ASN A 504 -2.47 -21.69 11.18
CA ASN A 504 -3.06 -22.58 12.17
C ASN A 504 -3.33 -21.86 13.48
N GLN A 505 -3.15 -20.55 13.51
CA GLN A 505 -3.60 -19.74 14.66
C GLN A 505 -3.77 -18.28 14.27
N ARG A 506 -4.66 -17.59 15.00
CA ARG A 506 -4.94 -16.18 14.73
C ARG A 506 -3.67 -15.37 14.93
N PRO A 507 -3.37 -14.47 13.98
CA PRO A 507 -2.21 -13.57 14.14
C PRO A 507 -2.37 -12.61 15.32
N ILE A 508 -1.28 -11.95 15.68
CA ILE A 508 -1.37 -10.70 16.45
C ILE A 508 -1.91 -9.68 15.45
N THR A 509 -3.18 -9.36 15.59
CA THR A 509 -3.90 -8.67 14.51
C THR A 509 -3.71 -7.18 14.61
N TRP A 510 -3.84 -6.51 13.46
CA TRP A 510 -3.79 -5.07 13.36
C TRP A 510 -5.24 -4.61 13.18
N ALA A 511 -5.91 -5.19 12.18
CA ALA A 511 -7.34 -4.97 11.98
C ALA A 511 -8.12 -5.99 12.79
N ALA A 512 -9.44 -5.95 12.67
CA ALA A 512 -10.26 -6.98 13.30
C ALA A 512 -10.48 -8.13 12.30
N ASP A 513 -9.52 -9.04 12.21
CA ASP A 513 -9.67 -10.18 11.29
C ASP A 513 -10.93 -10.98 11.63
N ALA A 514 -11.51 -11.60 10.62
CA ALA A 514 -12.63 -12.52 10.81
C ALA A 514 -12.21 -13.70 11.69
N SER A 515 -13.20 -14.46 12.17
CA SER A 515 -12.93 -15.70 12.90
C SER A 515 -12.75 -16.87 11.96
N SER A 516 -13.19 -16.67 10.72
CA SER A 516 -13.02 -17.65 9.65
C SER A 516 -12.09 -17.08 8.59
N THR A 517 -11.31 -17.95 7.93
CA THR A 517 -10.41 -17.45 6.87
C THR A 517 -11.23 -17.30 5.60
N ILE A 518 -10.77 -16.42 4.70
CA ILE A 518 -11.51 -16.17 3.47
C ILE A 518 -10.64 -15.49 2.42
N SER A 519 -10.76 -15.95 1.18
CA SER A 519 -10.14 -15.26 0.06
C SER A 519 -11.20 -14.89 -0.97
N VAL A 520 -11.20 -13.65 -1.46
CA VAL A 520 -12.23 -13.25 -2.43
C VAL A 520 -11.64 -13.07 -3.83
N ILE A 521 -12.50 -13.19 -4.84
CA ILE A 521 -12.04 -13.13 -6.22
C ILE A 521 -13.19 -12.73 -7.14
N GLY A 522 -12.86 -12.03 -8.22
CA GLY A 522 -13.84 -11.83 -9.28
C GLY A 522 -14.31 -10.40 -9.44
N ASP A 523 -15.63 -10.25 -9.62
CA ASP A 523 -16.23 -8.95 -9.89
C ASP A 523 -17.27 -8.68 -8.81
N HIS A 524 -17.06 -7.60 -8.04
CA HIS A 524 -17.97 -7.22 -6.97
C HIS A 524 -19.37 -6.91 -7.50
N HIS A 525 -19.46 -6.59 -8.80
CA HIS A 525 -20.75 -6.32 -9.42
C HIS A 525 -21.61 -7.57 -9.63
N TRP A 526 -20.97 -8.74 -9.66
CA TRP A 526 -21.68 -10.01 -9.90
C TRP A 526 -22.87 -10.17 -8.98
N THR A 527 -24.00 -10.62 -9.53
CA THR A 527 -25.19 -10.79 -8.72
C THR A 527 -25.76 -12.21 -8.83
N ASN A 528 -25.79 -12.75 -10.06
CA ASN A 528 -26.14 -14.15 -10.27
C ASN A 528 -24.90 -14.92 -10.67
N MET A 529 -24.68 -16.07 -10.03
CA MET A 529 -23.42 -16.76 -10.22
C MET A 529 -23.45 -18.19 -9.74
N THR A 530 -22.61 -19.02 -10.34
CA THR A 530 -22.42 -20.38 -9.90
C THR A 530 -20.93 -20.58 -9.58
N VAL A 531 -20.67 -20.98 -8.34
CA VAL A 531 -19.30 -21.17 -7.86
C VAL A 531 -19.11 -22.65 -7.57
N GLN A 532 -17.98 -23.21 -8.02
CA GLN A 532 -17.66 -24.62 -7.77
C GLN A 532 -16.21 -24.76 -7.35
N CYS A 533 -15.95 -25.69 -6.43
CA CYS A 533 -14.59 -25.96 -5.97
C CYS A 533 -14.47 -27.31 -5.28
N ASP A 534 -13.36 -28.00 -5.50
CA ASP A 534 -13.06 -29.20 -4.74
C ASP A 534 -12.45 -28.72 -3.43
N VAL A 535 -12.89 -29.31 -2.32
CA VAL A 535 -12.42 -28.90 -0.99
C VAL A 535 -11.97 -30.13 -0.22
N TYR A 536 -11.09 -29.90 0.75
CA TYR A 536 -10.48 -30.97 1.54
C TYR A 536 -10.23 -30.44 2.95
N ILE A 537 -10.89 -31.04 3.94
CA ILE A 537 -10.81 -30.62 5.33
C ILE A 537 -9.74 -31.44 6.06
N GLU A 538 -8.71 -30.78 6.59
CA GLU A 538 -7.59 -31.52 7.18
C GLU A 538 -7.77 -31.88 8.67
N THR A 539 -8.60 -31.13 9.38
CA THR A 539 -8.79 -31.35 10.83
C THR A 539 -9.99 -32.25 11.14
N PRO A 540 -9.72 -33.45 11.70
CA PRO A 540 -10.78 -34.42 12.04
C PRO A 540 -11.80 -33.84 13.02
N ARG A 541 -13.07 -34.22 12.86
CA ARG A 541 -14.16 -33.85 13.77
C ARG A 541 -14.59 -32.38 13.73
N SER A 542 -13.65 -31.48 13.98
CA SER A 542 -13.96 -30.06 14.19
C SER A 542 -13.82 -29.21 12.93
N GLY A 543 -13.22 -29.78 11.88
CA GLY A 543 -12.89 -29.01 10.69
C GLY A 543 -14.05 -28.56 9.81
N GLY A 544 -13.86 -27.45 9.11
CA GLY A 544 -14.92 -26.92 8.25
C GLY A 544 -14.40 -26.01 7.16
N VAL A 545 -15.06 -26.03 6.01
CA VAL A 545 -14.73 -25.15 4.89
C VAL A 545 -15.99 -24.59 4.25
N PHE A 546 -15.84 -23.60 3.38
CA PHE A 546 -16.98 -23.05 2.65
C PHE A 546 -16.58 -22.55 1.26
N ILE A 547 -17.59 -22.40 0.41
CA ILE A 547 -17.47 -21.57 -0.78
C ILE A 547 -18.60 -20.55 -0.66
N ALA A 548 -18.47 -19.41 -1.33
CA ALA A 548 -19.46 -18.33 -1.15
C ALA A 548 -19.58 -17.46 -2.38
N GLY A 549 -20.69 -16.72 -2.47
CA GLY A 549 -20.91 -15.76 -3.53
C GLY A 549 -21.60 -14.52 -3.00
N ARG A 550 -21.63 -13.45 -3.79
CA ARG A 550 -22.18 -12.16 -3.35
C ARG A 550 -21.50 -11.59 -2.11
N VAL A 551 -20.23 -11.91 -1.90
CA VAL A 551 -19.53 -11.38 -0.73
C VAL A 551 -19.31 -9.86 -0.90
N ASN A 552 -19.90 -9.04 -0.01
CA ASN A 552 -20.01 -7.60 -0.27
C ASN A 552 -18.95 -6.68 0.36
N LYS A 553 -18.25 -7.18 1.38
CA LYS A 553 -17.26 -6.38 2.10
C LYS A 553 -15.99 -7.18 2.32
N GLY A 554 -14.86 -6.50 2.36
CA GLY A 554 -13.60 -7.15 2.70
C GLY A 554 -12.66 -6.15 3.36
N GLY A 555 -11.39 -6.49 3.40
CA GLY A 555 -10.38 -5.60 3.94
C GLY A 555 -10.56 -5.32 5.41
N ILE A 556 -10.43 -4.05 5.79
CA ILE A 556 -10.53 -3.68 7.18
C ILE A 556 -11.93 -3.99 7.73
N LEU A 557 -12.91 -4.11 6.82
CA LEU A 557 -14.28 -4.46 7.18
C LEU A 557 -14.67 -5.92 6.93
N ILE A 558 -13.69 -6.83 6.80
CA ILE A 558 -13.99 -8.22 6.40
C ILE A 558 -14.99 -8.88 7.37
N ARG A 559 -14.97 -8.48 8.65
CA ARG A 559 -15.96 -8.99 9.61
C ARG A 559 -17.41 -8.61 9.27
N SER A 560 -17.57 -7.60 8.43
CA SER A 560 -18.91 -7.14 8.07
C SER A 560 -19.50 -7.87 6.88
N ALA A 561 -18.73 -8.77 6.28
CA ALA A 561 -19.12 -9.38 5.02
C ALA A 561 -20.42 -10.18 5.12
N THR A 562 -21.36 -9.86 4.23
CA THR A 562 -22.55 -10.67 4.05
C THR A 562 -22.48 -11.27 2.64
N GLY A 563 -23.46 -12.10 2.32
CA GLY A 563 -23.48 -12.81 1.04
C GLY A 563 -24.19 -14.16 1.21
N VAL A 564 -23.78 -15.16 0.44
CA VAL A 564 -24.34 -16.50 0.63
C VAL A 564 -23.20 -17.49 0.87
N PHE A 565 -23.17 -18.08 2.06
CA PHE A 565 -22.06 -18.95 2.46
C PHE A 565 -22.49 -20.40 2.65
N PHE A 566 -21.90 -21.30 1.86
CA PHE A 566 -22.21 -22.73 1.90
C PHE A 566 -21.08 -23.45 2.65
N TRP A 567 -21.34 -23.80 3.91
CA TRP A 567 -20.35 -24.47 4.76
C TRP A 567 -20.57 -25.97 4.83
N ILE A 568 -19.50 -26.76 4.80
CA ILE A 568 -19.58 -28.17 5.18
C ILE A 568 -18.60 -28.46 6.30
N PHE A 569 -18.98 -29.39 7.19
CA PHE A 569 -18.14 -29.67 8.37
C PHE A 569 -17.81 -31.15 8.47
N ALA A 570 -16.66 -31.44 9.10
CA ALA A 570 -16.17 -32.81 9.24
C ALA A 570 -16.99 -33.66 10.21
N ASN A 571 -17.93 -33.05 10.93
CA ASN A 571 -18.84 -33.82 11.78
C ASN A 571 -20.09 -34.31 11.05
N GLY A 572 -20.14 -34.12 9.73
CA GLY A 572 -21.27 -34.57 8.94
C GLY A 572 -22.44 -33.60 8.94
N SER A 573 -22.14 -32.31 8.84
CA SER A 573 -23.19 -31.30 8.80
C SER A 573 -22.91 -30.24 7.73
N TYR A 574 -23.94 -29.47 7.38
CA TYR A 574 -23.78 -28.31 6.52
C TYR A 574 -24.61 -27.13 7.04
N ARG A 575 -24.23 -25.92 6.65
CA ARG A 575 -25.00 -24.73 6.96
C ARG A 575 -24.93 -23.79 5.77
N VAL A 576 -26.02 -23.07 5.54
CA VAL A 576 -26.00 -21.95 4.61
C VAL A 576 -26.24 -20.68 5.43
N THR A 577 -25.32 -19.71 5.34
CA THR A 577 -25.48 -18.47 6.11
C THR A 577 -25.49 -17.21 5.26
N ALA A 578 -25.98 -16.12 5.85
CA ALA A 578 -26.06 -14.84 5.17
C ALA A 578 -24.81 -14.01 5.45
N ASP A 579 -24.02 -14.44 6.42
CA ASP A 579 -22.88 -13.65 6.89
C ASP A 579 -21.65 -14.52 7.14
N LEU A 580 -20.46 -13.94 7.00
CA LEU A 580 -19.22 -14.68 7.25
C LEU A 580 -19.15 -15.17 8.71
N GLY A 581 -19.74 -14.40 9.62
CA GLY A 581 -19.71 -14.71 11.04
C GLY A 581 -20.64 -15.87 11.40
N GLY A 582 -21.51 -16.25 10.47
CA GLY A 582 -22.43 -17.36 10.67
C GLY A 582 -23.53 -17.14 11.69
N TRP A 583 -23.89 -15.89 11.94
CA TRP A 583 -24.95 -15.60 12.91
C TRP A 583 -26.35 -15.83 12.34
N ILE A 584 -26.49 -15.67 11.03
CA ILE A 584 -27.78 -15.76 10.37
C ILE A 584 -27.88 -16.98 9.46
N THR A 585 -28.86 -17.84 9.71
CA THR A 585 -29.04 -19.10 8.97
C THR A 585 -30.07 -19.00 7.85
N TYR A 586 -29.69 -19.41 6.64
CA TYR A 586 -30.63 -19.57 5.53
C TYR A 586 -31.13 -21.00 5.46
N ALA A 587 -30.24 -21.94 5.79
CA ALA A 587 -30.57 -23.37 5.78
C ALA A 587 -29.50 -24.16 6.53
N SER A 588 -29.86 -25.34 7.02
CA SER A 588 -28.91 -26.20 7.72
C SER A 588 -29.39 -27.65 7.68
N GLY A 589 -28.45 -28.58 7.87
CA GLY A 589 -28.81 -29.98 7.82
C GLY A 589 -27.62 -30.91 7.92
N HIS A 590 -27.83 -32.17 7.54
CA HIS A 590 -26.79 -33.19 7.63
C HIS A 590 -26.25 -33.54 6.26
N ALA A 591 -25.00 -33.99 6.21
CA ALA A 591 -24.38 -34.38 4.96
C ALA A 591 -23.31 -35.42 5.20
N ASP A 592 -23.11 -36.29 4.21
CA ASP A 592 -22.06 -37.30 4.26
C ASP A 592 -20.69 -36.66 4.03
N VAL A 593 -20.18 -35.99 5.06
CA VAL A 593 -18.94 -35.26 4.96
C VAL A 593 -18.07 -35.61 6.15
N THR A 594 -16.78 -35.88 5.88
CA THR A 594 -15.80 -36.18 6.93
C THR A 594 -14.48 -35.46 6.62
N ALA A 595 -13.53 -35.50 7.54
CA ALA A 595 -12.18 -34.94 7.30
C ALA A 595 -11.37 -35.84 6.36
N LYS A 596 -10.35 -35.25 5.73
CA LYS A 596 -9.42 -35.99 4.86
C LYS A 596 -10.05 -36.70 3.69
N ARG A 597 -11.12 -36.12 3.15
CA ARG A 597 -11.70 -36.63 1.92
C ARG A 597 -12.01 -35.46 1.00
N TRP A 598 -11.76 -35.65 -0.29
CA TRP A 598 -12.05 -34.64 -1.30
C TRP A 598 -13.53 -34.62 -1.68
N TYR A 599 -14.16 -33.45 -1.57
CA TYR A 599 -15.55 -33.28 -2.02
C TYR A 599 -15.60 -32.16 -3.03
N THR A 600 -16.54 -32.24 -3.97
CA THR A 600 -16.80 -31.13 -4.90
C THR A 600 -18.04 -30.34 -4.44
N LEU A 601 -17.87 -29.06 -4.13
CA LEU A 601 -19.00 -28.20 -3.76
C LEU A 601 -19.45 -27.31 -4.91
N THR A 602 -20.75 -27.23 -5.10
CA THR A 602 -21.31 -26.27 -6.06
C THR A 602 -22.32 -25.36 -5.34
N LEU A 603 -22.24 -24.07 -5.62
CA LEU A 603 -23.17 -23.09 -5.06
C LEU A 603 -23.72 -22.23 -6.19
N GLY A 604 -25.03 -22.29 -6.40
CA GLY A 604 -25.67 -21.49 -7.42
C GLY A 604 -26.56 -20.44 -6.78
N ILE A 605 -26.47 -19.20 -7.28
CA ILE A 605 -27.27 -18.12 -6.74
C ILE A 605 -27.91 -17.33 -7.89
N LYS A 606 -29.23 -17.20 -7.83
CA LYS A 606 -29.97 -16.49 -8.89
C LYS A 606 -31.21 -15.82 -8.29
N GLY A 607 -31.27 -14.50 -8.36
CA GLY A 607 -32.37 -13.75 -7.77
C GLY A 607 -32.50 -14.04 -6.29
N TYR A 608 -33.72 -14.40 -5.88
CA TYR A 608 -34.05 -14.66 -4.47
C TYR A 608 -33.66 -16.05 -3.97
N PHE A 609 -33.08 -16.88 -4.85
CA PHE A 609 -32.93 -18.29 -4.54
C PHE A 609 -31.53 -18.86 -4.77
N ALA A 610 -31.12 -19.74 -3.87
CA ALA A 610 -29.84 -20.45 -4.01
C ALA A 610 -30.03 -21.97 -3.90
N PHE A 611 -29.04 -22.72 -4.38
CA PHE A 611 -29.01 -24.17 -4.24
C PHE A 611 -27.56 -24.59 -4.01
N GLY A 612 -27.36 -25.75 -3.40
CA GLY A 612 -26.01 -26.27 -3.19
C GLY A 612 -25.90 -27.72 -3.59
N MET A 613 -24.78 -28.08 -4.23
CA MET A 613 -24.56 -29.48 -4.58
C MET A 613 -23.34 -30.05 -3.87
N LEU A 614 -23.41 -31.34 -3.55
CA LEU A 614 -22.28 -32.05 -2.99
C LEU A 614 -21.99 -33.18 -3.97
N ASN A 615 -20.80 -33.17 -4.54
CA ASN A 615 -20.43 -34.16 -5.56
C ASN A 615 -21.43 -34.24 -6.72
N GLY A 616 -21.91 -33.09 -7.17
CA GLY A 616 -22.82 -33.05 -8.31
C GLY A 616 -24.25 -33.45 -8.01
N THR A 617 -24.53 -33.75 -6.74
CA THR A 617 -25.88 -34.11 -6.33
C THR A 617 -26.50 -33.04 -5.43
N ILE A 618 -27.74 -32.65 -5.72
CA ILE A 618 -28.42 -31.59 -4.97
C ILE A 618 -28.50 -31.92 -3.48
N LEU A 619 -28.05 -30.98 -2.65
CA LEU A 619 -28.09 -31.13 -1.21
C LEU A 619 -29.20 -30.26 -0.61
N TRP A 620 -29.37 -29.08 -1.20
CA TRP A 620 -30.45 -28.15 -0.84
C TRP A 620 -30.75 -27.26 -2.06
N LYS A 621 -31.99 -26.83 -2.19
CA LYS A 621 -32.42 -26.08 -3.39
C LYS A 621 -33.55 -25.12 -3.06
N ASN A 622 -33.70 -24.08 -3.87
CA ASN A 622 -34.74 -23.08 -3.66
C ASN A 622 -34.77 -22.50 -2.25
N VAL A 623 -33.58 -22.27 -1.69
CA VAL A 623 -33.46 -21.61 -0.41
C VAL A 623 -33.46 -20.09 -0.63
N ARG A 624 -34.32 -19.41 0.10
CA ARG A 624 -34.52 -17.99 -0.14
C ARG A 624 -33.39 -17.16 0.49
N VAL A 625 -32.82 -16.26 -0.30
CA VAL A 625 -31.74 -15.39 0.16
C VAL A 625 -32.09 -13.93 -0.11
N LYS A 626 -31.42 -13.02 0.59
CA LYS A 626 -31.62 -11.58 0.39
C LYS A 626 -31.39 -11.19 -1.08
N TYR A 627 -32.27 -10.35 -1.61
CA TYR A 627 -32.15 -9.87 -2.98
C TYR A 627 -32.85 -8.52 -3.11
N PRO A 628 -32.26 -7.58 -3.87
CA PRO A 628 -30.98 -7.66 -4.58
C PRO A 628 -29.76 -7.72 -3.65
N GLY A 629 -28.66 -8.20 -4.21
CA GLY A 629 -27.39 -8.30 -3.51
C GLY A 629 -26.32 -8.60 -4.55
N HIS A 630 -25.10 -8.16 -4.31
CA HIS A 630 -24.01 -8.40 -5.25
C HIS A 630 -22.66 -8.47 -4.54
N GLY A 631 -21.70 -9.21 -5.10
CA GLY A 631 -20.38 -9.31 -4.51
C GLY A 631 -19.51 -10.40 -5.11
N TRP A 632 -18.30 -10.55 -4.58
CA TRP A 632 -17.32 -11.53 -5.06
C TRP A 632 -17.70 -12.98 -4.78
N ALA A 633 -16.99 -13.89 -5.44
CA ALA A 633 -16.96 -15.30 -5.06
C ALA A 633 -15.89 -15.43 -3.98
N ALA A 634 -15.98 -16.48 -3.17
CA ALA A 634 -15.00 -16.70 -2.12
C ALA A 634 -14.85 -18.17 -1.72
N ILE A 635 -13.69 -18.48 -1.13
CA ILE A 635 -13.45 -19.76 -0.48
C ILE A 635 -12.89 -19.47 0.91
N GLY A 636 -12.97 -20.45 1.82
CA GLY A 636 -12.38 -20.26 3.13
C GLY A 636 -12.57 -21.42 4.09
N THR A 637 -12.16 -21.21 5.34
CA THR A 637 -12.16 -22.27 6.35
C THR A 637 -12.84 -21.77 7.62
N HIS A 638 -13.42 -22.69 8.39
CA HIS A 638 -14.19 -22.29 9.60
C HIS A 638 -13.37 -21.52 10.65
N THR A 639 -12.20 -22.03 11.00
CA THR A 639 -11.28 -21.26 11.83
C THR A 639 -9.90 -21.16 11.15
N PHE A 640 -8.88 -20.81 11.92
CA PHE A 640 -7.51 -20.81 11.39
C PHE A 640 -7.01 -22.25 11.37
N GLU A 641 -7.27 -22.93 10.26
CA GLU A 641 -7.03 -24.36 10.18
C GLU A 641 -6.59 -24.74 8.77
N PHE A 642 -5.80 -25.81 8.64
CA PHE A 642 -5.37 -26.26 7.31
C PHE A 642 -6.55 -26.81 6.51
N ALA A 643 -6.58 -26.50 5.22
CA ALA A 643 -7.59 -27.02 4.30
C ALA A 643 -7.07 -26.82 2.90
N GLN A 644 -7.52 -27.63 1.96
CA GLN A 644 -7.06 -27.46 0.59
C GLN A 644 -8.23 -27.30 -0.37
N PHE A 645 -7.94 -26.68 -1.52
CA PHE A 645 -8.94 -26.35 -2.51
C PHE A 645 -8.33 -26.69 -3.87
N ASP A 646 -9.16 -27.09 -4.81
CA ASP A 646 -8.66 -27.47 -6.13
C ASP A 646 -9.78 -27.28 -7.15
N ASN A 647 -9.41 -27.10 -8.41
CA ASN A 647 -10.38 -27.04 -9.50
C ASN A 647 -11.48 -26.01 -9.25
N PHE A 648 -11.06 -24.78 -9.00
CA PHE A 648 -11.97 -23.69 -8.75
C PHE A 648 -12.59 -23.22 -10.06
N ARG A 649 -13.89 -22.95 -10.04
CA ARG A 649 -14.54 -22.34 -11.19
C ARG A 649 -15.72 -21.47 -10.79
N VAL A 650 -15.94 -20.41 -11.57
CA VAL A 650 -17.06 -19.53 -11.33
C VAL A 650 -17.55 -19.08 -12.70
N GLU A 651 -18.86 -19.10 -12.88
CA GLU A 651 -19.45 -18.38 -13.99
C GLU A 651 -20.49 -17.46 -13.42
N ALA A 652 -20.53 -16.22 -13.92
CA ALA A 652 -21.37 -15.20 -13.29
C ALA A 652 -21.95 -14.21 -14.28
N ALA A 653 -22.93 -13.44 -13.80
CA ALA A 653 -23.49 -12.34 -14.58
C ALA A 653 -23.66 -11.11 -13.68
N ARG A 654 -23.44 -9.94 -14.26
CA ARG A 654 -23.67 -8.66 -13.56
C ARG A 654 -24.59 -7.80 -14.42
C1 NAG B . 10.47 24.80 11.31
C2 NAG B . 11.83 25.33 11.74
C3 NAG B . 11.84 26.85 12.00
C4 NAG B . 10.71 27.65 11.35
C5 NAG B . 9.51 26.82 10.90
C6 NAG B . 8.69 27.51 9.84
C7 NAG B . 13.45 24.02 13.06
C8 NAG B . 14.35 24.06 11.85
N2 NAG B . 12.27 24.63 12.94
O3 NAG B . 13.09 27.38 11.59
O4 NAG B . 10.26 28.59 12.31
O5 NAG B . 9.97 25.60 10.33
O6 NAG B . 7.50 26.77 9.55
O7 NAG B . 13.77 23.45 14.10
C1 NAG B . 10.39 29.99 11.99
C2 NAG B . 11.77 30.54 11.60
C3 NAG B . 11.71 32.04 11.26
C4 NAG B . 10.54 32.35 10.33
C5 NAG B . 9.26 31.69 10.81
C6 NAG B . 8.10 31.84 9.86
C7 NAG B . 14.02 30.03 12.50
C8 NAG B . 14.84 29.83 13.74
N2 NAG B . 12.73 30.32 12.70
O3 NAG B . 12.93 32.45 10.66
O4 NAG B . 10.34 33.77 10.28
O5 NAG B . 9.48 30.29 10.96
O6 NAG B . 7.08 30.89 10.13
O7 NAG B . 14.51 29.91 11.38
C1 NAG C . 23.45 20.16 -11.61
C2 NAG C . 24.94 20.54 -11.56
C3 NAG C . 25.75 19.66 -12.51
C4 NAG C . 25.45 18.17 -12.27
C5 NAG C . 23.95 17.92 -12.28
C6 NAG C . 23.57 16.51 -11.91
C7 NAG C . 24.71 22.58 -12.94
C8 NAG C . 25.04 24.04 -13.02
N2 NAG C . 25.15 21.95 -11.84
O3 NAG C . 27.14 19.92 -12.30
O4 NAG C . 26.05 17.40 -13.31
O5 NAG C . 23.30 18.78 -11.31
O6 NAG C . 24.42 16.00 -10.89
O7 NAG C . 24.10 22.00 -13.84
C1 NAG C . 26.97 16.40 -12.80
C2 NAG C . 27.34 15.47 -13.96
C3 NAG C . 28.29 14.38 -13.48
C4 NAG C . 29.50 14.99 -12.79
C5 NAG C . 29.04 15.92 -11.67
C6 NAG C . 30.18 16.64 -10.99
C7 NAG C . 25.52 15.41 -15.60
C8 NAG C . 24.31 14.69 -16.08
N2 NAG C . 26.15 14.89 -14.55
O3 NAG C . 28.71 13.59 -14.59
O4 NAG C . 30.34 13.98 -12.26
O5 NAG C . 28.17 16.94 -12.22
O6 NAG C . 29.74 17.36 -9.84
O7 NAG C . 25.93 16.43 -16.16
C1 NAG D . -30.24 -12.29 -11.89
C2 NAG D . -30.50 -11.33 -13.04
C3 NAG D . -31.85 -10.64 -12.84
C4 NAG D . -32.95 -11.66 -12.65
C5 NAG D . -32.59 -12.63 -11.52
C6 NAG D . -33.58 -13.76 -11.37
C7 NAG D . -28.40 -10.51 -14.01
C8 NAG D . -27.42 -9.39 -14.04
N2 NAG D . -29.44 -10.35 -13.19
O3 NAG D . -32.13 -9.79 -13.95
O4 NAG D . -34.17 -10.98 -12.34
O5 NAG D . -31.32 -13.24 -11.78
O6 NAG D . -33.59 -14.59 -12.52
O7 NAG D . -28.26 -11.53 -14.68
C1 NAG D . -35.18 -11.27 -13.31
C2 NAG D . -36.48 -10.76 -12.72
C3 NAG D . -37.65 -11.04 -13.66
C4 NAG D . -37.35 -10.47 -15.05
C5 NAG D . -36.02 -11.02 -15.55
C6 NAG D . -35.62 -10.48 -16.89
C7 NAG D . -36.57 -10.70 -10.27
C8 NAG D . -36.85 -11.48 -9.02
N2 NAG D . -36.72 -11.36 -11.42
O3 NAG D . -38.84 -10.46 -13.14
O4 NAG D . -38.40 -10.82 -15.96
O5 NAG D . -34.99 -10.68 -14.61
O6 NAG D . -34.75 -9.35 -16.77
O7 NAG D . -36.25 -9.52 -10.25
C1 2DG E . -2.54 4.11 7.14
C2 2DG E . -2.40 2.61 7.12
C3 2DG E . -2.91 2.03 5.89
C4 2DG E . -4.28 2.41 5.61
C5 2DG E . -4.48 3.91 5.62
C6 2DG E . -5.89 4.34 5.47
O3 2DG E . -2.78 0.58 5.89
O4 2DG E . -5.12 1.79 6.57
O5 2DG E . -3.93 4.44 6.92
O6 2DG E . -6.08 5.71 5.34
C1 NAG F . -11.32 35.29 -2.27
C2 NAG F . -12.78 35.69 -2.06
C3 NAG F . -13.23 36.65 -3.15
C4 NAG F . -12.29 37.84 -3.23
C5 NAG F . -10.84 37.37 -3.39
C6 NAG F . -9.84 38.50 -3.37
C7 NAG F . -14.33 34.17 -0.92
C8 NAG F . -15.19 32.94 -1.05
N2 NAG F . -13.65 34.52 -2.01
O3 NAG F . -14.56 37.08 -2.88
O4 NAG F . -12.63 38.67 -4.34
O5 NAG F . -10.49 36.48 -2.33
O6 NAG F . -9.52 38.90 -2.04
O7 NAG F . -14.26 34.80 0.13
CA CA G . -4.94 -29.05 -9.14
#